data_5BRH
#
_entry.id   5BRH
#
_cell.length_a   68.245
_cell.length_b   78.744
_cell.length_c   75.389
_cell.angle_alpha   90.000
_cell.angle_beta   94.800
_cell.angle_gamma   90.000
#
_symmetry.space_group_name_H-M   'P 1 21 1'
#
loop_
_entity.id
_entity.type
_entity.pdbx_description
1 polymer 'Glucokinase 1, putative'
2 non-polymer 2-deoxy-2-({[(1,1-dioxido-1-benzothiophen-2-yl)methoxy]carbonyl}amino)-beta-D-glucopyranose
3 water water
#
_entity_poly.entity_id   1
_entity_poly.type   'polypeptide(L)'
_entity_poly.pdbx_seq_one_letter_code
;MGRGSHHHHHHGMAMNIKELSLHELCEELKTPAWNVPLTFVGDVGGTSARMGFVREGKNDSVHACVTRYSMKRKDITELI
EFFNEIIELMPASVIKRVKAGVINVPGPVTGGAVGGPFNNLKGIARLSDYPKALFPPGRSAILNDLEAGGFGVLAVSDAH
VFSEYFGVMWEGTQWRTCEQEPAGSVIGRGRCLVLAPGTGLGSSLIYYNPMNQQHIVVPLELGSQTIPMRKDIDYIQTLH
AELKLLPNYENMVSGAGLEFHYRQVVRGSRPPCSAGEIAKLASEGDANACKAMKKYHEYLMRVGSEASMALLPLTIVLVG
DNIVNNAFFYRNPQNLKEMHREALNHEMERFGFQSRVTYLRQKKLLNLNLMGCYRCGLDLS
;
_entity_poly.pdbx_strand_id   A,B
#
# COMPACT_ATOMS: atom_id res chain seq x y z
N MET A 15 14.42 -21.68 14.13
CA MET A 15 13.27 -21.77 13.22
C MET A 15 12.84 -23.21 12.96
N ASN A 16 11.85 -23.70 13.68
CA ASN A 16 11.45 -25.09 13.48
C ASN A 16 10.00 -25.46 13.83
N ILE A 17 9.43 -26.32 13.01
CA ILE A 17 8.03 -26.69 13.10
C ILE A 17 7.98 -28.20 12.99
N LYS A 18 7.26 -28.86 13.90
CA LYS A 18 7.05 -30.29 13.75
C LYS A 18 5.57 -30.59 13.61
N GLU A 19 5.24 -31.44 12.66
CA GLU A 19 3.86 -31.77 12.35
C GLU A 19 3.51 -33.10 12.98
N LEU A 20 2.49 -33.11 13.83
CA LEU A 20 2.20 -34.24 14.69
C LEU A 20 0.75 -34.64 14.64
N SER A 21 0.42 -35.69 15.37
CA SER A 21 -0.97 -36.10 15.52
C SER A 21 -1.56 -35.41 16.73
N LEU A 22 -2.89 -35.33 16.76
CA LEU A 22 -3.61 -34.63 17.81
C LEU A 22 -3.28 -35.17 19.21
N HIS A 23 -3.26 -36.50 19.34
CA HIS A 23 -2.92 -37.12 20.61
C HIS A 23 -1.40 -37.04 20.85
N GLU A 24 -0.65 -37.16 19.75
CA GLU A 24 0.80 -36.94 19.77
C GLU A 24 1.11 -35.52 20.24
N LEU A 25 0.55 -34.53 19.55
CA LEU A 25 0.67 -33.12 19.94
C LEU A 25 0.32 -32.91 21.40
N CYS A 26 -0.84 -33.43 21.78
CA CYS A 26 -1.31 -33.34 23.16
C CYS A 26 -0.28 -33.89 24.14
N GLU A 27 0.47 -34.90 23.70
CA GLU A 27 1.47 -35.48 24.57
C GLU A 27 2.68 -34.55 24.75
N GLU A 28 3.26 -34.08 23.65
CA GLU A 28 4.50 -33.29 23.77
C GLU A 28 4.31 -31.98 24.52
N LEU A 29 3.09 -31.44 24.53
CA LEU A 29 2.82 -30.21 25.26
C LEU A 29 2.83 -30.43 26.77
N LYS A 30 2.89 -31.70 27.18
CA LYS A 30 2.99 -32.03 28.59
C LYS A 30 4.46 -32.18 29.01
N THR A 31 5.36 -32.09 28.03
CA THR A 31 6.79 -32.12 28.31
C THR A 31 7.26 -30.79 28.90
N PRO A 32 8.38 -30.81 29.66
CA PRO A 32 8.92 -29.62 30.33
C PRO A 32 9.30 -28.45 29.41
N ALA A 33 9.77 -28.74 28.20
CA ALA A 33 10.10 -27.69 27.22
C ALA A 33 8.87 -26.83 26.91
N TRP A 34 7.71 -27.46 26.92
CA TRP A 34 6.47 -26.76 26.60
C TRP A 34 5.75 -26.21 27.81
N ASN A 35 6.38 -26.28 28.98
CA ASN A 35 5.82 -25.63 30.16
C ASN A 35 6.18 -24.16 30.17
N VAL A 36 5.74 -23.47 29.12
CA VAL A 36 6.02 -22.05 28.91
C VAL A 36 4.76 -21.41 28.31
N PRO A 37 4.63 -20.08 28.42
CA PRO A 37 3.53 -19.38 27.74
C PRO A 37 3.44 -19.79 26.26
N LEU A 38 2.22 -20.05 25.78
CA LEU A 38 2.04 -20.56 24.42
C LEU A 38 1.23 -19.59 23.55
N THR A 39 1.45 -19.66 22.25
CA THR A 39 0.61 -18.94 21.31
C THR A 39 -0.11 -19.97 20.45
N PHE A 40 -1.44 -19.94 20.43
CA PHE A 40 -2.18 -20.80 19.52
C PHE A 40 -2.11 -20.21 18.11
N VAL A 41 -1.69 -21.03 17.13
CA VAL A 41 -1.64 -20.60 15.74
C VAL A 41 -2.37 -21.55 14.78
N GLY A 42 -2.73 -21.03 13.62
CA GLY A 42 -3.40 -21.81 12.59
C GLY A 42 -3.17 -21.24 11.20
N ASP A 43 -2.65 -22.07 10.31
CA ASP A 43 -2.44 -21.71 8.90
C ASP A 43 -3.48 -22.44 8.08
N VAL A 44 -4.49 -21.72 7.62
CA VAL A 44 -5.66 -22.34 7.01
C VAL A 44 -5.64 -22.14 5.50
N GLY A 45 -5.65 -23.25 4.76
CA GLY A 45 -5.68 -23.20 3.31
C GLY A 45 -6.99 -23.73 2.76
N GLY A 46 -7.14 -23.69 1.44
CA GLY A 46 -8.31 -24.24 0.78
C GLY A 46 -8.53 -25.71 1.07
N THR A 47 -7.45 -26.49 1.02
CA THR A 47 -7.55 -27.94 1.18
C THR A 47 -7.27 -28.41 2.61
N SER A 48 -6.30 -27.78 3.28
CA SER A 48 -5.96 -28.18 4.64
C SER A 48 -5.69 -27.01 5.60
N ALA A 49 -5.61 -27.32 6.89
CA ALA A 49 -5.30 -26.33 7.93
C ALA A 49 -4.31 -26.94 8.92
N ARG A 50 -3.20 -26.25 9.15
CA ARG A 50 -2.27 -26.70 10.18
C ARG A 50 -2.38 -25.80 11.40
N MET A 51 -2.67 -26.42 12.55
CA MET A 51 -2.97 -25.69 13.77
C MET A 51 -2.25 -26.29 14.96
N GLY A 52 -1.90 -25.44 15.92
CA GLY A 52 -1.16 -25.93 17.08
C GLY A 52 -0.63 -24.82 17.94
N PHE A 53 0.56 -25.04 18.51
CA PHE A 53 1.09 -24.13 19.52
C PHE A 53 2.53 -23.79 19.23
N VAL A 54 2.93 -22.57 19.58
CA VAL A 54 4.28 -22.09 19.30
C VAL A 54 4.85 -21.46 20.56
N ARG A 55 6.14 -21.66 20.80
CA ARG A 55 6.80 -21.07 21.95
C ARG A 55 8.08 -20.40 21.50
N GLU A 56 8.62 -19.55 22.36
CA GLU A 56 9.94 -18.98 22.14
C GLU A 56 10.97 -19.97 22.63
N GLY A 57 12.07 -20.09 21.93
CA GLY A 57 13.14 -20.98 22.35
C GLY A 57 14.44 -20.20 22.46
N LYS A 58 15.47 -20.82 23.03
CA LYS A 58 16.77 -20.17 23.06
C LYS A 58 17.50 -20.44 21.76
N ASN A 59 18.21 -19.42 21.26
CA ASN A 59 18.18 -18.10 21.88
C ASN A 59 17.09 -17.23 21.29
N ASP A 60 17.19 -16.96 20.00
CA ASP A 60 16.18 -16.17 19.29
C ASP A 60 15.20 -17.07 18.55
N SER A 61 15.36 -18.39 18.73
CA SER A 61 14.63 -19.38 17.95
C SER A 61 13.15 -19.51 18.28
N VAL A 62 12.44 -20.22 17.41
CA VAL A 62 11.00 -20.38 17.52
C VAL A 62 10.67 -21.86 17.34
N HIS A 63 9.75 -22.36 18.15
CA HIS A 63 9.40 -23.78 18.14
C HIS A 63 7.89 -24.01 18.04
N ALA A 64 7.45 -24.62 16.95
CA ALA A 64 6.02 -24.85 16.73
C ALA A 64 5.67 -26.34 16.73
N CYS A 65 4.53 -26.67 17.32
CA CYS A 65 4.00 -28.02 17.32
C CYS A 65 2.57 -27.96 16.79
N VAL A 66 2.34 -28.55 15.62
CA VAL A 66 1.03 -28.43 14.98
C VAL A 66 0.47 -29.76 14.48
N THR A 67 -0.85 -29.82 14.33
CA THR A 67 -1.51 -30.98 13.72
C THR A 67 -2.22 -30.60 12.44
N ARG A 68 -2.17 -31.49 11.45
CA ARG A 68 -2.87 -31.29 10.20
C ARG A 68 -4.38 -31.52 10.36
N TYR A 69 -5.17 -30.75 9.63
CA TYR A 69 -6.60 -30.90 9.57
C TYR A 69 -6.98 -30.73 8.12
N SER A 70 -7.79 -31.63 7.59
CA SER A 70 -8.26 -31.43 6.22
C SER A 70 -9.56 -30.63 6.24
N MET A 71 -9.66 -29.68 5.32
CA MET A 71 -10.85 -28.85 5.18
C MET A 71 -11.86 -29.59 4.33
N LYS A 72 -12.33 -30.73 4.83
CA LYS A 72 -13.14 -31.65 4.03
C LYS A 72 -14.50 -31.09 3.66
N ARG A 73 -15.05 -30.21 4.50
CA ARG A 73 -16.34 -29.61 4.18
C ARG A 73 -16.23 -28.36 3.32
N LYS A 74 -15.01 -28.04 2.89
CA LYS A 74 -14.74 -26.81 2.13
C LYS A 74 -15.44 -25.59 2.74
N ASP A 75 -15.48 -25.58 4.07
CA ASP A 75 -16.24 -24.58 4.80
C ASP A 75 -15.39 -24.02 5.93
N ILE A 76 -15.20 -22.70 5.92
CA ILE A 76 -14.32 -22.04 6.88
C ILE A 76 -14.81 -22.21 8.32
N THR A 77 -16.11 -22.37 8.51
CA THR A 77 -16.66 -22.46 9.87
C THR A 77 -16.33 -23.80 10.55
N GLU A 78 -15.84 -24.76 9.78
CA GLU A 78 -15.44 -26.05 10.35
C GLU A 78 -14.28 -25.90 11.33
N LEU A 79 -13.48 -24.83 11.15
CA LEU A 79 -12.40 -24.50 12.08
C LEU A 79 -12.91 -24.44 13.52
N ILE A 80 -14.13 -23.95 13.69
CA ILE A 80 -14.78 -23.87 15.00
C ILE A 80 -14.86 -25.25 15.66
N GLU A 81 -15.25 -26.24 14.89
CA GLU A 81 -15.31 -27.62 15.39
C GLU A 81 -13.92 -28.09 15.82
N PHE A 82 -12.91 -27.77 15.00
CA PHE A 82 -11.53 -28.17 15.28
C PHE A 82 -11.05 -27.61 16.62
N PHE A 83 -11.28 -26.30 16.82
CA PHE A 83 -10.90 -25.61 18.06
C PHE A 83 -11.52 -26.28 19.27
N ASN A 84 -12.78 -26.67 19.14
CA ASN A 84 -13.50 -27.40 20.18
C ASN A 84 -12.81 -28.71 20.49
N GLU A 85 -12.50 -29.46 19.43
CA GLU A 85 -11.82 -30.75 19.55
C GLU A 85 -10.47 -30.64 20.25
N ILE A 86 -9.86 -29.45 20.18
CA ILE A 86 -8.58 -29.23 20.83
C ILE A 86 -8.76 -28.84 22.29
N ILE A 87 -9.84 -28.15 22.60
CA ILE A 87 -10.09 -27.70 23.96
C ILE A 87 -10.55 -28.84 24.87
N GLU A 88 -11.44 -29.69 24.37
CA GLU A 88 -11.91 -30.86 25.10
C GLU A 88 -10.78 -31.87 25.29
N LEU A 89 -10.10 -32.19 24.19
CA LEU A 89 -9.17 -33.31 24.13
C LEU A 89 -7.76 -32.97 24.57
N MET A 90 -7.60 -31.86 25.27
CA MET A 90 -6.28 -31.39 25.68
C MET A 90 -6.38 -30.95 27.12
N PRO A 91 -5.33 -31.18 27.91
CA PRO A 91 -5.29 -30.76 29.31
C PRO A 91 -5.68 -29.30 29.49
N ALA A 92 -6.33 -28.98 30.61
CA ALA A 92 -6.69 -27.60 30.91
C ALA A 92 -5.45 -26.84 31.37
N SER A 93 -4.44 -27.59 31.80
CA SER A 93 -3.16 -27.03 32.22
C SER A 93 -2.40 -26.44 31.04
N VAL A 94 -2.58 -27.04 29.87
CA VAL A 94 -1.97 -26.57 28.63
C VAL A 94 -2.68 -25.33 28.08
N ILE A 95 -4.01 -25.39 28.06
CA ILE A 95 -4.86 -24.30 27.60
C ILE A 95 -4.63 -23.02 28.42
N LYS A 96 -4.27 -23.21 29.69
CA LYS A 96 -3.98 -22.11 30.61
C LYS A 96 -2.72 -21.35 30.21
N ARG A 97 -1.84 -21.99 29.45
CA ARG A 97 -0.60 -21.36 29.01
C ARG A 97 -0.80 -20.46 27.79
N VAL A 98 -2.00 -20.48 27.24
CA VAL A 98 -2.28 -19.76 25.99
C VAL A 98 -2.40 -18.26 26.23
N LYS A 99 -1.42 -17.51 25.72
CA LYS A 99 -1.37 -16.07 25.93
C LYS A 99 -1.94 -15.29 24.73
N ALA A 100 -1.97 -15.93 23.56
CA ALA A 100 -2.46 -15.29 22.34
C ALA A 100 -2.96 -16.35 21.37
N GLY A 101 -3.88 -15.96 20.50
CA GLY A 101 -4.37 -16.86 19.45
C GLY A 101 -4.47 -16.15 18.11
N VAL A 102 -3.71 -16.59 17.12
CA VAL A 102 -3.69 -15.94 15.81
C VAL A 102 -3.77 -16.98 14.70
N ILE A 103 -4.74 -16.84 13.81
CA ILE A 103 -4.77 -17.69 12.61
C ILE A 103 -4.74 -16.85 11.33
N ASN A 104 -4.43 -17.51 10.22
CA ASN A 104 -4.55 -16.88 8.90
C ASN A 104 -5.51 -17.67 7.97
N VAL A 105 -6.18 -16.93 7.10
CA VAL A 105 -7.12 -17.51 6.14
C VAL A 105 -6.83 -17.04 4.70
N PRO A 106 -7.22 -17.84 3.70
CA PRO A 106 -6.81 -17.50 2.33
C PRO A 106 -7.72 -16.49 1.63
N GLY A 107 -8.04 -15.38 2.29
CA GLY A 107 -8.85 -14.34 1.67
C GLY A 107 -8.71 -13.06 2.46
N PRO A 108 -9.37 -11.98 2.00
CA PRO A 108 -9.23 -10.67 2.67
C PRO A 108 -9.79 -10.72 4.09
N VAL A 109 -9.16 -10.00 5.02
CA VAL A 109 -9.67 -9.94 6.40
C VAL A 109 -9.87 -8.49 6.80
N THR A 110 -11.00 -8.20 7.45
CA THR A 110 -11.30 -6.84 7.90
C THR A 110 -11.30 -6.77 9.41
N GLY A 111 -10.62 -5.76 9.97
CA GLY A 111 -10.61 -5.52 11.39
C GLY A 111 -9.92 -6.60 12.20
N GLY A 112 -9.14 -7.44 11.52
CA GLY A 112 -8.47 -8.56 12.18
C GLY A 112 -9.46 -9.53 12.81
N ALA A 113 -10.71 -9.48 12.36
CA ALA A 113 -11.79 -10.19 13.05
C ALA A 113 -12.79 -10.88 12.11
N VAL A 114 -12.88 -10.39 10.87
CA VAL A 114 -13.86 -10.92 9.92
C VAL A 114 -13.22 -11.31 8.59
N GLY A 115 -13.17 -12.60 8.31
CA GLY A 115 -12.45 -13.09 7.14
C GLY A 115 -13.34 -13.72 6.08
N GLY A 116 -13.06 -13.39 4.83
CA GLY A 116 -13.85 -13.92 3.75
C GLY A 116 -14.61 -12.82 3.03
N PRO A 117 -15.35 -13.18 1.98
CA PRO A 117 -15.55 -14.58 1.56
C PRO A 117 -14.32 -15.13 0.85
N PHE A 118 -14.28 -16.45 0.70
CA PHE A 118 -13.14 -17.09 0.08
C PHE A 118 -13.57 -17.73 -1.23
N ASN A 119 -12.65 -17.85 -2.18
CA ASN A 119 -13.04 -18.41 -3.47
C ASN A 119 -12.89 -19.93 -3.53
N ASN A 120 -12.40 -20.52 -2.45
CA ASN A 120 -12.25 -21.97 -2.37
C ASN A 120 -12.83 -22.57 -1.09
N LEU A 121 -13.45 -21.72 -0.28
CA LEU A 121 -14.11 -22.18 0.94
C LEU A 121 -15.42 -21.43 1.12
N LYS A 122 -16.40 -22.08 1.72
CA LYS A 122 -17.65 -21.40 2.01
C LYS A 122 -17.62 -20.79 3.39
N GLY A 123 -18.42 -19.74 3.58
CA GLY A 123 -18.60 -19.16 4.90
C GLY A 123 -17.67 -18.01 5.19
N ILE A 124 -17.85 -17.43 6.37
CA ILE A 124 -17.08 -16.29 6.84
C ILE A 124 -16.36 -16.65 8.13
N ALA A 125 -15.07 -16.35 8.19
CA ALA A 125 -14.31 -16.59 9.41
C ALA A 125 -14.61 -15.46 10.39
N ARG A 126 -15.15 -15.80 11.54
CA ARG A 126 -15.53 -14.78 12.52
C ARG A 126 -14.82 -14.98 13.86
N LEU A 127 -13.99 -14.00 14.23
CA LEU A 127 -13.26 -14.05 15.50
C LEU A 127 -14.20 -14.12 16.71
N SER A 128 -15.32 -13.41 16.64
CA SER A 128 -16.30 -13.38 17.73
C SER A 128 -16.87 -14.76 18.03
N ASP A 129 -16.92 -15.61 17.00
CA ASP A 129 -17.45 -16.97 17.13
C ASP A 129 -16.40 -18.01 17.59
N TYR A 130 -15.20 -17.55 17.95
CA TYR A 130 -14.12 -18.47 18.35
C TYR A 130 -14.03 -18.58 19.88
N PRO A 131 -13.72 -19.79 20.38
CA PRO A 131 -13.57 -20.07 21.81
C PRO A 131 -12.45 -19.24 22.46
N LYS A 132 -12.77 -18.54 23.55
CA LYS A 132 -11.83 -17.63 24.17
C LYS A 132 -10.62 -18.33 24.80
N ALA A 133 -10.71 -19.65 24.94
CA ALA A 133 -9.64 -20.45 25.50
C ALA A 133 -8.41 -20.44 24.59
N LEU A 134 -8.65 -20.51 23.29
CA LEU A 134 -7.59 -20.47 22.29
C LEU A 134 -7.39 -19.06 21.73
N PHE A 135 -8.42 -18.23 21.89
CA PHE A 135 -8.34 -16.85 21.43
C PHE A 135 -8.67 -15.88 22.57
N PRO A 136 -7.66 -15.58 23.42
CA PRO A 136 -7.85 -14.72 24.58
C PRO A 136 -8.27 -13.31 24.15
N PRO A 137 -9.27 -12.73 24.83
CA PRO A 137 -9.75 -11.39 24.51
C PRO A 137 -8.61 -10.39 24.50
N GLY A 138 -8.58 -9.52 23.49
CA GLY A 138 -7.52 -8.52 23.36
C GLY A 138 -6.19 -9.06 22.87
N ARG A 139 -6.06 -10.38 22.77
CA ARG A 139 -4.80 -10.99 22.33
C ARG A 139 -4.97 -11.93 21.15
N SER A 140 -5.98 -11.67 20.32
CA SER A 140 -6.28 -12.57 19.21
C SER A 140 -6.53 -11.82 17.92
N ALA A 141 -6.29 -12.50 16.79
CA ALA A 141 -6.52 -11.87 15.48
C ALA A 141 -6.72 -12.92 14.41
N ILE A 142 -7.47 -12.58 13.38
CA ILE A 142 -7.44 -13.37 12.15
C ILE A 142 -6.61 -12.55 11.15
N LEU A 143 -5.67 -13.21 10.47
CA LEU A 143 -4.82 -12.55 9.49
C LEU A 143 -5.16 -13.02 8.08
N ASN A 144 -4.91 -12.19 7.08
CA ASN A 144 -4.84 -12.68 5.71
C ASN A 144 -3.59 -13.56 5.58
N ASP A 145 -3.63 -14.60 4.75
CA ASP A 145 -2.48 -15.49 4.62
C ASP A 145 -1.16 -14.78 4.29
N LEU A 146 -1.19 -13.77 3.40
CA LEU A 146 0.06 -13.08 3.07
C LEU A 146 0.38 -11.99 4.09
N GLU A 147 -0.61 -11.56 4.85
CA GLU A 147 -0.33 -10.78 6.05
C GLU A 147 0.47 -11.63 7.05
N ALA A 148 0.01 -12.85 7.32
CA ALA A 148 0.81 -13.77 8.14
C ALA A 148 2.17 -14.05 7.52
N GLY A 149 2.19 -14.25 6.20
CA GLY A 149 3.43 -14.45 5.48
C GLY A 149 4.41 -13.31 5.70
N GLY A 150 3.92 -12.06 5.61
CA GLY A 150 4.75 -10.91 5.91
C GLY A 150 5.31 -10.90 7.34
N PHE A 151 4.46 -11.15 8.33
CA PHE A 151 4.96 -11.33 9.69
C PHE A 151 6.02 -12.44 9.80
N GLY A 152 5.86 -13.48 8.99
CA GLY A 152 6.84 -14.58 8.97
C GLY A 152 8.19 -14.16 8.42
N VAL A 153 8.17 -13.29 7.41
CA VAL A 153 9.41 -12.76 6.87
C VAL A 153 10.11 -11.94 7.94
N LEU A 154 9.33 -11.18 8.70
CA LEU A 154 9.89 -10.45 9.83
C LEU A 154 10.47 -11.45 10.86
N ALA A 155 9.74 -12.53 11.12
CA ALA A 155 10.21 -13.54 12.08
C ALA A 155 11.57 -14.11 11.71
N VAL A 156 11.79 -14.36 10.42
CA VAL A 156 13.06 -14.87 9.95
C VAL A 156 14.16 -13.83 10.14
N SER A 157 13.83 -12.60 9.79
CA SER A 157 14.73 -11.47 10.00
C SER A 157 15.11 -11.31 11.47
N ASP A 158 14.09 -11.34 12.34
CA ASP A 158 14.30 -11.24 13.79
C ASP A 158 15.21 -12.34 14.35
N ALA A 159 15.20 -13.50 13.71
CA ALA A 159 16.00 -14.63 14.18
C ALA A 159 17.39 -14.69 13.55
N HIS A 160 17.75 -13.64 12.80
CA HIS A 160 19.08 -13.49 12.20
C HIS A 160 19.43 -14.52 11.14
N VAL A 161 18.42 -14.99 10.43
CA VAL A 161 18.58 -16.19 9.63
C VAL A 161 18.00 -15.93 8.21
N PHE A 162 17.98 -14.64 7.86
CA PHE A 162 17.42 -14.21 6.59
C PHE A 162 18.11 -14.86 5.40
N SER A 163 19.43 -14.93 5.45
CA SER A 163 20.20 -15.45 4.31
C SER A 163 20.09 -16.97 4.19
N GLU A 164 19.56 -17.62 5.22
CA GLU A 164 19.33 -19.06 5.16
C GLU A 164 18.08 -19.38 4.34
N TYR A 165 17.11 -18.47 4.35
CA TYR A 165 15.81 -18.74 3.74
C TYR A 165 15.55 -17.97 2.47
N PHE A 166 16.29 -16.89 2.26
CA PHE A 166 16.06 -16.07 1.07
C PHE A 166 17.33 -15.83 0.27
N GLY A 167 17.22 -15.94 -1.05
CA GLY A 167 18.35 -15.73 -1.94
C GLY A 167 18.10 -14.54 -2.86
N VAL A 168 19.17 -13.83 -3.19
CA VAL A 168 19.08 -12.69 -4.10
C VAL A 168 18.90 -13.17 -5.53
N MET A 169 17.93 -12.60 -6.23
CA MET A 169 17.78 -12.85 -7.66
C MET A 169 18.59 -11.81 -8.42
N TRP A 170 18.40 -10.54 -8.07
CA TRP A 170 19.30 -9.47 -8.52
C TRP A 170 19.23 -8.33 -7.53
N GLU A 171 20.37 -7.68 -7.33
CA GLU A 171 20.45 -6.59 -6.36
C GLU A 171 20.07 -5.26 -6.99
N GLY A 172 19.24 -4.47 -6.31
CA GLY A 172 18.83 -3.19 -6.85
C GLY A 172 19.75 -2.04 -6.49
N THR A 173 19.65 -0.98 -7.28
CA THR A 173 20.40 0.25 -7.12
C THR A 173 20.35 0.81 -5.69
N GLN A 174 19.20 0.73 -5.05
CA GLN A 174 18.99 1.41 -3.79
C GLN A 174 19.63 0.72 -2.58
N TRP A 175 19.85 -0.59 -2.68
CA TRP A 175 20.27 -1.37 -1.51
C TRP A 175 21.52 -0.83 -0.80
N ARG A 176 22.62 -0.65 -1.54
CA ARG A 176 23.87 -0.18 -0.95
C ARG A 176 23.76 1.27 -0.43
N THR A 177 22.83 2.01 -1.01
CA THR A 177 22.52 3.36 -0.59
C THR A 177 21.95 3.37 0.83
N CYS A 178 21.18 2.34 1.16
CA CYS A 178 20.53 2.24 2.46
C CYS A 178 21.27 1.30 3.43
N GLU A 179 22.09 0.40 2.89
CA GLU A 179 22.68 -0.68 3.70
C GLU A 179 24.16 -0.96 3.37
N GLN A 180 24.91 -1.37 4.40
CA GLN A 180 26.31 -1.80 4.24
C GLN A 180 26.40 -3.33 4.10
N GLU A 181 25.61 -4.04 4.89
CA GLU A 181 25.59 -5.50 4.84
C GLU A 181 25.17 -5.97 3.45
N PRO A 182 25.50 -7.22 3.10
CA PRO A 182 25.13 -7.58 1.72
C PRO A 182 23.64 -7.88 1.55
N ALA A 183 23.18 -7.76 0.31
CA ALA A 183 21.79 -8.02 -0.03
C ALA A 183 21.47 -9.46 0.33
N GLY A 184 20.27 -9.68 0.86
CA GLY A 184 19.84 -11.02 1.24
C GLY A 184 20.23 -11.41 2.63
N SER A 185 21.05 -10.60 3.30
CA SER A 185 21.53 -10.94 4.64
C SER A 185 20.61 -10.39 5.73
N VAL A 186 19.84 -9.36 5.41
CA VAL A 186 18.86 -8.77 6.32
C VAL A 186 17.64 -8.28 5.52
N ILE A 187 16.51 -8.07 6.18
CA ILE A 187 15.33 -7.60 5.46
C ILE A 187 15.60 -6.21 4.88
N GLY A 188 16.35 -5.40 5.62
CA GLY A 188 16.73 -4.09 5.14
C GLY A 188 15.80 -3.01 5.64
N ARG A 189 16.33 -1.82 5.86
CA ARG A 189 15.56 -0.71 6.40
C ARG A 189 14.81 0.00 5.28
N GLY A 190 13.81 -0.70 4.75
CA GLY A 190 12.99 -0.20 3.66
C GLY A 190 11.80 -1.12 3.46
N ARG A 191 10.85 -0.69 2.65
CA ARG A 191 9.64 -1.46 2.40
C ARG A 191 9.98 -2.73 1.65
N CYS A 192 9.35 -3.82 2.06
CA CYS A 192 9.55 -5.13 1.44
C CYS A 192 8.20 -5.63 0.91
N LEU A 193 8.06 -5.72 -0.41
CA LEU A 193 6.83 -6.26 -0.99
C LEU A 193 6.93 -7.79 -1.13
N VAL A 194 6.01 -8.48 -0.44
CA VAL A 194 5.97 -9.94 -0.43
C VAL A 194 4.94 -10.40 -1.46
N LEU A 195 5.39 -11.21 -2.42
CA LEU A 195 4.49 -11.81 -3.42
C LEU A 195 4.53 -13.34 -3.33
N ALA A 196 3.37 -13.98 -3.39
CA ALA A 196 3.29 -15.43 -3.29
C ALA A 196 2.44 -15.99 -4.42
N PRO A 197 3.08 -16.31 -5.53
CA PRO A 197 2.35 -16.85 -6.68
C PRO A 197 2.15 -18.35 -6.48
N GLY A 198 0.98 -18.70 -5.95
CA GLY A 198 0.63 -20.09 -5.70
C GLY A 198 -0.72 -20.39 -6.33
N THR A 199 -1.63 -21.01 -5.57
CA THR A 199 -2.98 -21.25 -6.05
C THR A 199 -3.59 -19.92 -6.45
N GLY A 200 -3.68 -19.02 -5.49
CA GLY A 200 -3.99 -17.64 -5.80
C GLY A 200 -2.72 -16.82 -5.73
N LEU A 201 -2.77 -15.59 -6.22
CA LEU A 201 -1.60 -14.73 -6.16
C LEU A 201 -1.69 -13.84 -4.92
N GLY A 202 -0.83 -14.08 -3.95
CA GLY A 202 -0.86 -13.32 -2.71
C GLY A 202 0.11 -12.15 -2.69
N SER A 203 -0.23 -11.12 -1.92
CA SER A 203 0.64 -9.96 -1.83
C SER A 203 0.45 -9.24 -0.49
N SER A 204 1.55 -8.79 0.09
CA SER A 204 1.47 -7.88 1.23
C SER A 204 2.67 -6.95 1.23
N LEU A 205 2.51 -5.76 1.80
CA LEU A 205 3.60 -4.80 1.87
C LEU A 205 4.09 -4.72 3.31
N ILE A 206 5.35 -5.03 3.52
CA ILE A 206 5.94 -4.80 4.84
C ILE A 206 6.44 -3.36 4.77
N TYR A 207 5.58 -2.42 5.16
CA TYR A 207 5.93 -1.02 5.14
C TYR A 207 7.03 -0.75 6.16
N TYR A 208 7.89 0.22 5.87
CA TYR A 208 8.94 0.59 6.81
C TYR A 208 8.74 2.05 7.19
N ASN A 209 8.53 2.31 8.46
CA ASN A 209 8.39 3.69 8.94
C ASN A 209 9.76 4.20 9.37
N PRO A 210 10.34 5.11 8.57
CA PRO A 210 11.74 5.51 8.83
C PRO A 210 11.87 6.40 10.07
N MET A 211 10.76 6.92 10.55
CA MET A 211 10.79 7.82 11.71
C MET A 211 10.92 7.08 13.05
N ASN A 212 10.45 5.84 13.09
CA ASN A 212 10.67 5.01 14.27
C ASN A 212 11.32 3.67 13.97
N GLN A 213 11.77 3.49 12.72
CA GLN A 213 12.46 2.27 12.30
C GLN A 213 11.63 1.02 12.53
N GLN A 214 10.31 1.15 12.39
CA GLN A 214 9.41 0.02 12.57
C GLN A 214 8.89 -0.54 11.23
N HIS A 215 8.96 -1.86 11.06
CA HIS A 215 8.30 -2.53 9.93
C HIS A 215 6.87 -2.86 10.34
N ILE A 216 5.91 -2.56 9.46
CA ILE A 216 4.52 -2.90 9.73
C ILE A 216 3.86 -3.56 8.49
N VAL A 217 3.14 -4.66 8.71
CA VAL A 217 2.58 -5.42 7.59
C VAL A 217 1.23 -4.91 7.13
N VAL A 218 1.16 -4.53 5.85
CA VAL A 218 -0.06 -4.00 5.26
C VAL A 218 -0.56 -4.97 4.19
N PRO A 219 -1.72 -5.62 4.43
CA PRO A 219 -2.21 -6.62 3.46
C PRO A 219 -2.61 -5.91 2.18
N LEU A 220 -2.50 -6.62 1.06
CA LEU A 220 -2.82 -6.05 -0.24
C LEU A 220 -3.60 -7.09 -1.03
N GLU A 221 -4.26 -6.65 -2.09
CA GLU A 221 -4.90 -7.55 -3.05
C GLU A 221 -4.44 -7.18 -4.46
N LEU A 222 -3.13 -7.18 -4.67
CA LEU A 222 -2.59 -6.76 -5.97
C LEU A 222 -2.99 -7.70 -7.11
N GLY A 223 -3.25 -8.96 -6.78
CA GLY A 223 -3.53 -9.94 -7.81
C GLY A 223 -4.85 -9.68 -8.52
N SER A 224 -5.75 -8.98 -7.84
CA SER A 224 -7.08 -8.73 -8.42
C SER A 224 -7.16 -7.43 -9.22
N GLN A 225 -6.02 -6.74 -9.40
CA GLN A 225 -6.00 -5.55 -10.25
C GLN A 225 -6.06 -5.96 -11.72
N THR A 226 -6.74 -5.16 -12.55
CA THR A 226 -6.77 -5.41 -14.00
C THR A 226 -5.35 -5.27 -14.56
N ILE A 227 -4.92 -6.21 -15.40
CA ILE A 227 -3.57 -6.11 -15.97
C ILE A 227 -3.46 -4.95 -16.96
N PRO A 228 -2.49 -4.05 -16.76
CA PRO A 228 -2.24 -3.04 -17.78
C PRO A 228 -1.40 -3.65 -18.89
N MET A 229 -1.49 -3.12 -20.10
CA MET A 229 -0.80 -3.74 -21.22
C MET A 229 0.67 -3.36 -21.39
N ARG A 230 1.37 -4.18 -22.19
CA ARG A 230 2.64 -3.78 -22.79
C ARG A 230 2.43 -3.98 -24.30
N LYS A 231 3.06 -4.97 -24.91
CA LYS A 231 2.79 -5.22 -26.33
C LYS A 231 1.96 -6.50 -26.51
N ASP A 232 1.07 -6.77 -25.57
CA ASP A 232 0.43 -8.08 -25.49
C ASP A 232 -1.10 -8.04 -25.58
N ILE A 233 -1.65 -7.00 -26.22
CA ILE A 233 -3.11 -6.87 -26.30
C ILE A 233 -3.82 -8.11 -26.83
N ASP A 234 -3.26 -8.75 -27.87
CA ASP A 234 -3.90 -9.95 -28.40
C ASP A 234 -3.94 -11.09 -27.38
N TYR A 235 -2.88 -11.24 -26.60
CA TYR A 235 -2.79 -12.34 -25.62
C TYR A 235 -3.76 -12.05 -24.48
N ILE A 236 -3.79 -10.81 -24.01
CA ILE A 236 -4.77 -10.42 -22.99
C ILE A 236 -6.20 -10.63 -23.50
N GLN A 237 -6.47 -10.24 -24.75
CA GLN A 237 -7.80 -10.41 -25.33
C GLN A 237 -8.20 -11.88 -25.49
N THR A 238 -7.24 -12.74 -25.77
CA THR A 238 -7.47 -14.19 -25.83
C THR A 238 -7.98 -14.76 -24.50
N LEU A 239 -7.33 -14.35 -23.41
CA LEU A 239 -7.81 -14.76 -22.10
C LEU A 239 -9.14 -14.10 -21.76
N HIS A 240 -9.30 -12.82 -22.10
CA HIS A 240 -10.56 -12.09 -21.87
C HIS A 240 -11.71 -12.90 -22.47
N ALA A 241 -11.50 -13.45 -23.68
CA ALA A 241 -12.57 -14.16 -24.38
C ALA A 241 -12.91 -15.47 -23.71
N GLU A 242 -11.94 -16.11 -23.04
CA GLU A 242 -12.23 -17.32 -22.29
C GLU A 242 -12.97 -17.02 -20.99
N LEU A 243 -12.54 -15.99 -20.27
CA LEU A 243 -13.05 -15.74 -18.91
C LEU A 243 -14.36 -14.95 -18.91
N LYS A 244 -14.55 -14.15 -19.97
CA LYS A 244 -15.64 -13.16 -20.03
C LYS A 244 -15.42 -12.07 -18.98
N LEU A 245 -14.15 -11.85 -18.63
CA LEU A 245 -13.80 -10.82 -17.66
C LEU A 245 -12.48 -10.23 -18.13
N LEU A 246 -12.29 -8.92 -17.97
CA LEU A 246 -10.97 -8.35 -18.18
C LEU A 246 -9.99 -9.05 -17.25
N PRO A 247 -8.88 -9.58 -17.81
CA PRO A 247 -7.92 -10.33 -16.99
C PRO A 247 -7.28 -9.48 -15.89
N ASN A 248 -7.12 -10.11 -14.73
CA ASN A 248 -6.34 -9.51 -13.66
C ASN A 248 -5.04 -10.27 -13.55
N TYR A 249 -4.14 -9.85 -12.67
CA TYR A 249 -2.83 -10.51 -12.64
C TYR A 249 -2.96 -11.96 -12.22
N GLU A 250 -3.82 -12.21 -11.22
CA GLU A 250 -4.02 -13.59 -10.79
C GLU A 250 -4.47 -14.52 -11.93
N ASN A 251 -5.24 -14.00 -12.90
CA ASN A 251 -5.67 -14.84 -14.02
C ASN A 251 -4.47 -15.32 -14.84
N MET A 252 -3.41 -14.52 -14.89
CA MET A 252 -2.20 -14.93 -15.62
C MET A 252 -1.16 -15.59 -14.71
N VAL A 253 -1.23 -15.28 -13.42
CA VAL A 253 -0.26 -15.80 -12.45
C VAL A 253 -1.00 -16.59 -11.38
N SER A 254 -1.21 -17.88 -11.64
CA SER A 254 -1.94 -18.79 -10.78
C SER A 254 -1.83 -20.17 -11.41
N GLY A 255 -2.40 -21.19 -10.77
CA GLY A 255 -2.44 -22.51 -11.37
C GLY A 255 -3.18 -22.45 -12.69
N ALA A 256 -4.35 -21.80 -12.67
CA ALA A 256 -5.14 -21.66 -13.90
C ALA A 256 -4.39 -20.82 -14.95
N GLY A 257 -3.61 -19.85 -14.49
CA GLY A 257 -2.85 -19.02 -15.41
C GLY A 257 -1.79 -19.82 -16.14
N LEU A 258 -1.07 -20.65 -15.40
CA LEU A 258 -0.04 -21.48 -16.01
C LEU A 258 -0.67 -22.45 -17.01
N GLU A 259 -1.82 -23.04 -16.63
CA GLU A 259 -2.53 -23.95 -17.54
C GLU A 259 -2.97 -23.26 -18.83
N PHE A 260 -3.38 -21.99 -18.75
CA PHE A 260 -3.71 -21.19 -19.93
C PHE A 260 -2.47 -20.96 -20.78
N HIS A 261 -1.37 -20.58 -20.14
CA HIS A 261 -0.15 -20.31 -20.89
C HIS A 261 0.28 -21.55 -21.63
N TYR A 262 0.17 -22.69 -20.96
CA TYR A 262 0.53 -23.96 -21.63
C TYR A 262 -0.37 -24.22 -22.86
N ARG A 263 -1.67 -24.08 -22.68
CA ARG A 263 -2.61 -24.24 -23.81
C ARG A 263 -2.25 -23.31 -24.98
N GLN A 264 -1.88 -22.07 -24.68
CA GLN A 264 -1.50 -21.14 -25.74
C GLN A 264 -0.21 -21.53 -26.43
N VAL A 265 0.74 -22.12 -25.70
CA VAL A 265 2.00 -22.57 -26.29
C VAL A 265 1.80 -23.76 -27.23
N VAL A 266 1.07 -24.78 -26.76
CA VAL A 266 0.94 -26.01 -27.54
C VAL A 266 -0.04 -25.88 -28.72
N ARG A 267 -1.07 -25.04 -28.57
CA ARG A 267 -2.13 -24.91 -29.57
C ARG A 267 -2.85 -26.22 -29.95
N GLY A 268 -3.53 -26.86 -29.00
CA GLY A 268 -4.26 -28.10 -29.29
C GLY A 268 -3.41 -29.33 -29.52
N SER A 269 -2.19 -29.11 -30.02
CA SER A 269 -1.26 -30.18 -30.41
C SER A 269 -0.99 -31.22 -29.30
N ARG A 270 -1.20 -30.83 -28.05
CA ARG A 270 -1.14 -31.75 -26.90
C ARG A 270 -2.31 -31.41 -25.98
N PRO A 271 -2.99 -32.44 -25.42
CA PRO A 271 -4.14 -32.14 -24.56
C PRO A 271 -3.68 -31.37 -23.33
N PRO A 272 -4.59 -30.77 -22.57
CA PRO A 272 -4.11 -30.00 -21.42
C PRO A 272 -3.73 -30.84 -20.18
N CYS A 273 -2.70 -30.40 -19.46
CA CYS A 273 -2.32 -31.02 -18.18
C CYS A 273 -2.29 -29.97 -17.07
N SER A 274 -2.17 -30.42 -15.82
CA SER A 274 -2.33 -29.51 -14.66
C SER A 274 -1.11 -28.63 -14.46
N ALA A 275 -1.30 -27.53 -13.72
CA ALA A 275 -0.19 -26.63 -13.40
C ALA A 275 1.00 -27.40 -12.84
N GLY A 276 0.71 -28.34 -11.94
CA GLY A 276 1.75 -29.14 -11.32
C GLY A 276 2.43 -30.03 -12.34
N GLU A 277 1.64 -30.61 -13.23
CA GLU A 277 2.18 -31.44 -14.31
C GLU A 277 3.08 -30.59 -15.20
N ILE A 278 2.65 -29.35 -15.45
CA ILE A 278 3.39 -28.46 -16.33
C ILE A 278 4.76 -28.10 -15.73
N ALA A 279 4.77 -27.73 -14.45
CA ALA A 279 6.03 -27.46 -13.76
C ALA A 279 6.97 -28.69 -13.78
N LYS A 280 6.42 -29.87 -13.53
CA LYS A 280 7.23 -31.08 -13.57
C LYS A 280 7.89 -31.25 -14.95
N LEU A 281 7.08 -31.11 -16.00
CA LEU A 281 7.59 -31.18 -17.37
C LEU A 281 8.67 -30.15 -17.62
N ALA A 282 8.46 -28.94 -17.09
CA ALA A 282 9.42 -27.87 -17.25
C ALA A 282 10.74 -28.29 -16.61
N SER A 283 10.67 -28.93 -15.44
CA SER A 283 11.89 -29.35 -14.75
C SER A 283 12.64 -30.41 -15.54
N GLU A 284 11.92 -31.13 -16.39
CA GLU A 284 12.51 -32.20 -17.18
C GLU A 284 12.89 -31.70 -18.56
N GLY A 285 12.91 -30.38 -18.72
CA GLY A 285 13.44 -29.78 -19.94
C GLY A 285 12.51 -29.72 -21.13
N ASP A 286 11.24 -30.05 -20.92
CA ASP A 286 10.24 -29.94 -21.98
C ASP A 286 10.10 -28.48 -22.40
N ALA A 287 10.36 -28.21 -23.68
CA ALA A 287 10.35 -26.86 -24.21
C ALA A 287 9.02 -26.12 -24.05
N ASN A 288 7.90 -26.80 -24.32
CA ASN A 288 6.58 -26.15 -24.25
C ASN A 288 6.23 -25.70 -22.83
N ALA A 289 6.49 -26.56 -21.86
CA ALA A 289 6.22 -26.25 -20.46
C ALA A 289 7.14 -25.14 -19.96
N CYS A 290 8.40 -25.20 -20.38
CA CYS A 290 9.35 -24.13 -20.06
C CYS A 290 8.84 -22.80 -20.59
N LYS A 291 8.35 -22.78 -21.83
CA LYS A 291 7.84 -21.53 -22.39
C LYS A 291 6.62 -21.06 -21.58
N ALA A 292 5.78 -22.00 -21.15
CA ALA A 292 4.59 -21.63 -20.37
C ALA A 292 5.01 -20.97 -19.06
N MET A 293 6.00 -21.57 -18.40
CA MET A 293 6.54 -21.02 -17.17
C MET A 293 7.15 -19.62 -17.41
N LYS A 294 7.80 -19.41 -18.57
CA LYS A 294 8.35 -18.08 -18.86
C LYS A 294 7.27 -17.04 -18.99
N LYS A 295 6.16 -17.44 -19.63
CA LYS A 295 5.01 -16.56 -19.82
C LYS A 295 4.40 -16.19 -18.46
N TYR A 296 4.21 -17.20 -17.62
CA TYR A 296 3.72 -16.99 -16.27
C TYR A 296 4.59 -15.96 -15.54
N HIS A 297 5.90 -16.09 -15.66
CA HIS A 297 6.76 -15.17 -14.95
C HIS A 297 6.84 -13.78 -15.58
N GLU A 298 6.51 -13.68 -16.85
CA GLU A 298 6.42 -12.39 -17.51
C GLU A 298 5.34 -11.53 -16.85
N TYR A 299 4.21 -12.15 -16.51
CA TYR A 299 3.13 -11.40 -15.87
C TYR A 299 3.39 -11.18 -14.39
N LEU A 300 4.07 -12.12 -13.74
CA LEU A 300 4.47 -11.90 -12.36
C LEU A 300 5.41 -10.70 -12.28
N MET A 301 6.32 -10.58 -13.25
CA MET A 301 7.22 -9.44 -13.27
C MET A 301 6.52 -8.12 -13.56
N ARG A 302 5.35 -8.20 -14.19
CA ARG A 302 4.59 -6.98 -14.41
C ARG A 302 3.90 -6.51 -13.11
N VAL A 303 3.45 -7.45 -12.28
CA VAL A 303 2.96 -7.07 -10.95
C VAL A 303 4.09 -6.32 -10.29
N GLY A 304 5.29 -6.91 -10.36
CA GLY A 304 6.48 -6.33 -9.77
C GLY A 304 6.82 -4.94 -10.28
N SER A 305 6.82 -4.74 -11.59
CA SER A 305 7.22 -3.43 -12.13
C SER A 305 6.24 -2.34 -11.77
N GLU A 306 4.94 -2.62 -11.89
CA GLU A 306 3.95 -1.62 -11.53
C GLU A 306 3.98 -1.31 -10.04
N ALA A 307 4.08 -2.35 -9.21
CA ALA A 307 4.13 -2.17 -7.76
C ALA A 307 5.43 -1.47 -7.34
N SER A 308 6.52 -1.75 -8.06
CA SER A 308 7.78 -1.06 -7.79
C SER A 308 7.60 0.45 -7.88
N MET A 309 6.73 0.90 -8.78
CA MET A 309 6.48 2.32 -8.89
C MET A 309 5.53 2.77 -7.80
N ALA A 310 4.39 2.09 -7.72
CA ALA A 310 3.32 2.51 -6.83
C ALA A 310 3.75 2.50 -5.37
N LEU A 311 4.50 1.47 -4.96
CA LEU A 311 4.79 1.24 -3.54
C LEU A 311 6.22 1.59 -3.15
N LEU A 312 7.04 1.95 -4.15
CA LEU A 312 8.44 2.31 -3.93
C LEU A 312 9.17 1.40 -2.95
N PRO A 313 9.23 0.09 -3.23
CA PRO A 313 9.83 -0.78 -2.21
C PRO A 313 11.34 -0.85 -2.33
N LEU A 314 12.01 -1.17 -1.23
CA LEU A 314 13.44 -1.44 -1.24
C LEU A 314 13.68 -2.83 -1.79
N THR A 315 12.79 -3.77 -1.43
CA THR A 315 12.95 -5.16 -1.84
C THR A 315 11.59 -5.77 -2.24
N ILE A 316 11.66 -6.77 -3.13
CA ILE A 316 10.52 -7.63 -3.43
C ILE A 316 10.98 -9.07 -3.17
N VAL A 317 10.20 -9.82 -2.40
CA VAL A 317 10.54 -11.20 -2.08
C VAL A 317 9.44 -12.14 -2.57
N LEU A 318 9.79 -13.09 -3.42
CA LEU A 318 8.86 -14.14 -3.82
C LEU A 318 8.87 -15.26 -2.81
N VAL A 319 7.71 -15.60 -2.25
CA VAL A 319 7.69 -16.64 -1.22
C VAL A 319 6.69 -17.75 -1.53
N GLY A 320 6.87 -18.89 -0.85
CA GLY A 320 5.91 -19.98 -0.96
C GLY A 320 6.57 -21.32 -1.32
N ASP A 321 5.91 -22.42 -0.99
CA ASP A 321 6.47 -23.77 -1.26
C ASP A 321 6.79 -23.94 -2.75
N ASN A 322 5.85 -23.46 -3.55
CA ASN A 322 5.95 -23.26 -5.00
C ASN A 322 7.28 -22.68 -5.48
N ILE A 323 7.57 -21.48 -4.98
CA ILE A 323 8.80 -20.78 -5.28
C ILE A 323 10.01 -21.65 -4.91
N VAL A 324 9.95 -22.24 -3.71
CA VAL A 324 11.05 -23.10 -3.27
C VAL A 324 11.18 -24.34 -4.16
N ASN A 325 10.06 -25.04 -4.37
CA ASN A 325 10.13 -26.33 -5.08
C ASN A 325 10.49 -26.18 -6.55
N ASN A 326 10.17 -25.02 -7.13
CA ASN A 326 10.54 -24.74 -8.51
C ASN A 326 11.84 -23.94 -8.67
N ALA A 327 12.79 -24.18 -7.76
CA ALA A 327 14.09 -23.51 -7.80
C ALA A 327 14.82 -23.75 -9.13
N PHE A 328 14.54 -24.88 -9.78
CA PHE A 328 15.16 -25.17 -11.08
C PHE A 328 14.91 -24.02 -12.05
N PHE A 329 13.76 -23.37 -11.94
CA PHE A 329 13.44 -22.28 -12.83
C PHE A 329 14.28 -21.02 -12.57
N TYR A 330 14.45 -20.67 -11.29
CA TYR A 330 15.16 -19.43 -10.94
C TYR A 330 16.67 -19.61 -11.01
N ARG A 331 17.12 -20.84 -10.82
CA ARG A 331 18.54 -21.28 -10.92
C ARG A 331 19.14 -21.04 -12.32
N ASN A 332 18.28 -21.09 -13.32
CA ASN A 332 18.67 -20.89 -14.72
C ASN A 332 18.90 -19.40 -15.05
N PRO A 333 20.12 -19.04 -15.49
CA PRO A 333 20.53 -17.67 -15.80
C PRO A 333 19.73 -17.04 -16.93
N GLN A 334 19.33 -17.83 -17.92
CA GLN A 334 18.52 -17.29 -19.01
C GLN A 334 17.12 -16.90 -18.49
N ASN A 335 16.53 -17.74 -17.67
CA ASN A 335 15.22 -17.40 -17.10
C ASN A 335 15.33 -16.13 -16.27
N LEU A 336 16.38 -16.07 -15.45
CA LEU A 336 16.59 -14.95 -14.54
C LEU A 336 16.77 -13.66 -15.33
N LYS A 337 17.59 -13.71 -16.37
CA LYS A 337 17.79 -12.55 -17.21
C LYS A 337 16.48 -12.09 -17.89
N GLU A 338 15.64 -13.05 -18.30
CA GLU A 338 14.38 -12.67 -18.94
C GLU A 338 13.43 -12.05 -17.92
N MET A 339 13.43 -12.57 -16.71
CA MET A 339 12.61 -11.98 -15.64
C MET A 339 13.05 -10.56 -15.28
N HIS A 340 14.36 -10.40 -15.13
CA HIS A 340 14.98 -9.10 -14.81
C HIS A 340 14.56 -8.06 -15.84
N ARG A 341 14.63 -8.44 -17.10
CA ARG A 341 14.25 -7.56 -18.19
C ARG A 341 12.79 -7.14 -18.11
N GLU A 342 11.93 -8.09 -17.75
CA GLU A 342 10.51 -7.78 -17.62
C GLU A 342 10.23 -6.90 -16.39
N ALA A 343 11.00 -7.10 -15.31
CA ALA A 343 10.87 -6.25 -14.12
C ALA A 343 11.19 -4.79 -14.43
N LEU A 344 12.04 -4.59 -15.44
CA LEU A 344 12.43 -3.24 -15.84
C LEU A 344 11.57 -2.66 -16.96
N ASN A 345 10.63 -3.45 -17.47
CA ASN A 345 9.78 -3.02 -18.57
C ASN A 345 8.64 -2.12 -18.10
N HIS A 346 8.95 -0.84 -17.93
CA HIS A 346 8.00 0.12 -17.39
C HIS A 346 8.46 1.50 -17.81
N GLU A 347 7.53 2.38 -18.15
CA GLU A 347 7.91 3.70 -18.65
C GLU A 347 8.74 4.47 -17.63
N MET A 348 8.50 4.22 -16.35
CA MET A 348 9.18 4.98 -15.31
C MET A 348 10.63 4.52 -15.08
N GLU A 349 11.03 3.42 -15.73
CA GLU A 349 12.42 2.96 -15.58
C GLU A 349 13.38 3.92 -16.28
N ARG A 350 12.85 4.80 -17.13
CA ARG A 350 13.67 5.85 -17.73
C ARG A 350 14.23 6.76 -16.64
N PHE A 351 13.65 6.69 -15.44
CA PHE A 351 14.18 7.40 -14.29
C PHE A 351 14.80 6.42 -13.27
N GLY A 352 14.81 5.14 -13.60
CA GLY A 352 15.49 4.15 -12.78
C GLY A 352 14.69 3.57 -11.61
N PHE A 353 13.39 3.86 -11.56
CA PHE A 353 12.56 3.39 -10.44
C PHE A 353 12.55 1.87 -10.30
N GLN A 354 12.37 1.16 -11.41
CA GLN A 354 12.36 -0.31 -11.32
C GLN A 354 13.73 -0.89 -10.95
N SER A 355 14.79 -0.25 -11.43
CA SER A 355 16.16 -0.68 -11.12
C SER A 355 16.55 -0.48 -9.66
N ARG A 356 15.82 0.37 -8.94
CA ARG A 356 16.10 0.57 -7.52
C ARG A 356 15.93 -0.70 -6.72
N VAL A 357 15.02 -1.57 -7.17
CA VAL A 357 14.49 -2.65 -6.32
C VAL A 357 15.32 -3.93 -6.36
N THR A 358 15.57 -4.50 -5.17
CA THR A 358 16.25 -5.78 -5.06
C THR A 358 15.21 -6.90 -5.01
N TYR A 359 15.35 -7.87 -5.89
CA TYR A 359 14.46 -9.02 -5.90
C TYR A 359 15.10 -10.23 -5.23
N LEU A 360 14.33 -10.87 -4.35
CA LEU A 360 14.78 -12.07 -3.65
C LEU A 360 13.75 -13.18 -3.81
N ARG A 361 14.16 -14.41 -3.55
CA ARG A 361 13.26 -15.55 -3.56
C ARG A 361 13.50 -16.44 -2.35
N GLN A 362 12.43 -17.02 -1.83
CA GLN A 362 12.56 -18.05 -0.79
C GLN A 362 13.30 -19.23 -1.41
N LYS A 363 14.32 -19.72 -0.72
CA LYS A 363 15.16 -20.77 -1.29
C LYS A 363 15.21 -22.00 -0.38
N LYS A 364 14.51 -21.92 0.74
CA LYS A 364 14.42 -23.04 1.69
C LYS A 364 13.01 -23.12 2.26
N LEU A 365 12.44 -24.33 2.29
CA LEU A 365 11.07 -24.51 2.77
C LEU A 365 10.91 -24.04 4.20
N LEU A 366 9.86 -23.25 4.44
CA LEU A 366 9.50 -22.82 5.79
C LEU A 366 8.08 -22.31 5.72
N ASN A 367 7.24 -22.73 6.67
CA ASN A 367 5.88 -22.21 6.71
C ASN A 367 5.94 -20.82 7.35
N LEU A 368 6.06 -19.81 6.48
CA LEU A 368 6.11 -18.41 6.91
C LEU A 368 4.86 -18.00 7.65
N ASN A 369 3.73 -18.58 7.26
CA ASN A 369 2.44 -18.21 7.85
C ASN A 369 2.36 -18.57 9.35
N LEU A 370 2.78 -19.78 9.70
CA LEU A 370 2.79 -20.19 11.12
C LEU A 370 3.73 -19.32 11.93
N MET A 371 4.91 -19.06 11.38
CA MET A 371 5.87 -18.19 12.05
C MET A 371 5.29 -16.78 12.17
N GLY A 372 4.51 -16.36 11.17
CA GLY A 372 3.91 -15.04 11.18
C GLY A 372 2.79 -14.90 12.20
N CYS A 373 1.98 -15.95 12.35
CA CYS A 373 0.90 -15.89 13.34
C CYS A 373 1.52 -15.72 14.72
N TYR A 374 2.60 -16.42 14.96
CA TYR A 374 3.33 -16.30 16.21
C TYR A 374 3.88 -14.90 16.39
N ARG A 375 4.58 -14.42 15.37
CA ARG A 375 5.24 -13.12 15.40
C ARG A 375 4.21 -12.00 15.58
N CYS A 376 3.04 -12.15 14.96
CA CYS A 376 1.96 -11.19 15.16
C CYS A 376 1.44 -11.24 16.58
N GLY A 377 1.34 -12.46 17.13
CA GLY A 377 0.88 -12.66 18.48
C GLY A 377 1.74 -11.94 19.51
N LEU A 378 3.02 -11.78 19.20
CA LEU A 378 3.95 -11.06 20.07
C LEU A 378 3.51 -9.62 20.28
N ASP A 379 3.04 -8.96 19.22
CA ASP A 379 2.63 -7.57 19.32
C ASP A 379 1.28 -7.40 20.03
N LEU A 380 0.57 -8.50 20.22
CA LEU A 380 -0.74 -8.47 20.87
C LEU A 380 -0.64 -8.75 22.36
N SER A 381 0.40 -9.47 22.75
CA SER A 381 0.56 -9.94 24.13
C SER A 381 1.36 -8.95 24.95
N MET B 15 -7.08 25.17 14.92
CA MET B 15 -7.18 24.75 13.53
C MET B 15 -7.09 25.93 12.57
N ASN B 16 -6.04 26.75 12.71
CA ASN B 16 -5.99 27.99 11.93
C ASN B 16 -4.60 28.58 11.71
N ILE B 17 -4.44 29.14 10.52
CA ILE B 17 -3.15 29.55 9.99
C ILE B 17 -3.19 30.96 9.43
N LYS B 18 -2.31 31.83 9.91
CA LYS B 18 -2.19 33.14 9.30
C LYS B 18 -0.89 33.29 8.55
N GLU B 19 -0.98 33.71 7.29
CA GLU B 19 0.19 33.98 6.47
C GLU B 19 0.64 35.42 6.71
N LEU B 20 1.84 35.56 7.29
CA LEU B 20 2.31 36.85 7.75
C LEU B 20 3.62 37.21 7.07
N SER B 21 3.99 38.49 7.13
CA SER B 21 5.30 38.91 6.63
C SER B 21 6.35 38.35 7.57
N LEU B 22 7.57 38.21 7.07
CA LEU B 22 8.69 37.68 7.84
C LEU B 22 8.86 38.43 9.16
N HIS B 23 8.74 39.75 9.09
CA HIS B 23 8.98 40.60 10.23
C HIS B 23 7.78 40.64 11.17
N GLU B 24 6.58 40.56 10.59
CA GLU B 24 5.35 40.41 11.37
C GLU B 24 5.42 39.12 12.19
N LEU B 25 5.85 38.04 11.53
CA LEU B 25 6.04 36.74 12.15
C LEU B 25 6.91 36.85 13.40
N CYS B 26 8.07 37.46 13.23
CA CYS B 26 9.02 37.69 14.32
C CYS B 26 8.39 38.39 15.52
N GLU B 27 7.51 39.36 15.23
CA GLU B 27 6.79 40.05 16.28
C GLU B 27 5.70 39.16 16.91
N GLU B 28 5.07 38.35 16.08
CA GLU B 28 4.01 37.44 16.55
C GLU B 28 4.55 36.40 17.52
N LEU B 29 5.80 35.98 17.31
CA LEU B 29 6.41 34.95 18.15
C LEU B 29 6.99 35.55 19.42
N LYS B 30 7.02 36.88 19.48
CA LYS B 30 7.44 37.59 20.68
C LYS B 30 6.31 37.68 21.70
N THR B 31 5.09 37.51 21.21
CA THR B 31 3.90 37.40 22.06
C THR B 31 4.13 36.38 23.17
N PRO B 32 3.63 36.68 24.37
CA PRO B 32 3.54 35.72 25.47
C PRO B 32 2.89 34.41 25.04
N ALA B 33 1.90 34.49 24.15
CA ALA B 33 1.18 33.32 23.65
C ALA B 33 1.98 32.43 22.70
N TRP B 34 3.30 32.68 22.63
CA TRP B 34 4.20 31.89 21.80
C TRP B 34 5.50 31.67 22.56
N ASN B 35 5.44 31.90 23.87
CA ASN B 35 6.50 31.47 24.77
C ASN B 35 6.19 30.05 25.22
N VAL B 36 6.08 29.15 24.24
CA VAL B 36 5.80 27.74 24.47
C VAL B 36 6.68 26.94 23.51
N PRO B 37 6.77 25.61 23.72
CA PRO B 37 7.48 24.81 22.71
C PRO B 37 6.87 24.97 21.32
N LEU B 38 7.73 24.99 20.30
CA LEU B 38 7.31 25.27 18.93
C LEU B 38 7.67 24.14 17.95
N THR B 39 6.84 23.95 16.93
CA THR B 39 7.19 23.06 15.84
C THR B 39 7.43 23.85 14.56
N PHE B 40 8.64 23.73 14.00
CA PHE B 40 8.89 24.34 12.70
C PHE B 40 8.31 23.50 11.57
N VAL B 41 7.61 24.15 10.64
CA VAL B 41 6.97 23.46 9.51
C VAL B 41 7.25 24.18 8.20
N GLY B 42 7.18 23.41 7.10
CA GLY B 42 7.38 23.95 5.77
C GLY B 42 6.61 23.21 4.68
N ASP B 43 5.74 23.94 3.98
CA ASP B 43 4.99 23.39 2.85
C ASP B 43 5.61 23.88 1.55
N VAL B 44 6.41 23.02 0.92
CA VAL B 44 7.17 23.41 -0.26
C VAL B 44 6.49 23.00 -1.56
N GLY B 45 6.10 24.00 -2.35
CA GLY B 45 5.60 23.76 -3.70
C GLY B 45 6.67 24.14 -4.70
N GLY B 46 6.38 23.95 -5.98
CA GLY B 46 7.34 24.27 -7.04
C GLY B 46 7.29 25.73 -7.44
N THR B 47 6.24 26.42 -7.00
CA THR B 47 6.12 27.86 -7.25
C THR B 47 6.58 28.63 -6.03
N SER B 48 6.03 28.30 -4.86
CA SER B 48 6.41 28.95 -3.61
C SER B 48 6.39 27.97 -2.44
N ALA B 49 6.85 28.44 -1.28
CA ALA B 49 6.93 27.64 -0.07
C ALA B 49 6.49 28.46 1.14
N ARG B 50 5.64 27.90 1.97
CA ARG B 50 5.23 28.55 3.21
C ARG B 50 5.92 27.89 4.40
N MET B 51 6.55 28.69 5.26
CA MET B 51 7.30 28.17 6.38
C MET B 51 7.02 28.96 7.65
N GLY B 52 7.04 28.28 8.78
CA GLY B 52 6.71 28.93 10.04
C GLY B 52 6.63 27.98 11.21
N PHE B 53 5.84 28.39 12.21
CA PHE B 53 5.83 27.72 13.50
C PHE B 53 4.41 27.41 13.95
N VAL B 54 4.26 26.35 14.75
CA VAL B 54 2.95 25.93 15.25
C VAL B 54 3.02 25.75 16.76
N ARG B 55 1.96 26.15 17.47
CA ARG B 55 1.94 26.01 18.92
C ARG B 55 0.65 25.37 19.43
N GLU B 56 0.61 25.15 20.74
CA GLU B 56 -0.59 24.64 21.40
C GLU B 56 -1.40 25.79 22.00
N ASP B 60 -7.18 24.27 24.03
CA ASP B 60 -6.77 23.12 23.25
C ASP B 60 -6.54 23.52 21.80
N SER B 61 -5.86 24.64 21.60
CA SER B 61 -5.78 25.25 20.27
C SER B 61 -4.50 24.91 19.50
N VAL B 62 -4.65 24.57 18.22
CA VAL B 62 -3.50 24.41 17.32
C VAL B 62 -3.36 25.62 16.43
N HIS B 63 -2.38 26.48 16.73
CA HIS B 63 -2.24 27.71 15.98
C HIS B 63 -0.91 27.83 15.25
N ALA B 64 -0.99 28.21 13.97
CA ALA B 64 0.20 28.31 13.12
C ALA B 64 0.27 29.67 12.42
N CYS B 65 1.46 30.25 12.41
CA CYS B 65 1.73 31.43 11.60
C CYS B 65 2.97 31.15 10.77
N VAL B 66 2.85 31.39 9.47
CA VAL B 66 3.95 31.12 8.56
C VAL B 66 4.22 32.34 7.72
N THR B 67 5.32 32.31 6.98
CA THR B 67 5.61 33.35 5.99
C THR B 67 5.91 32.66 4.67
N ARG B 68 5.81 33.40 3.57
CA ARG B 68 5.99 32.78 2.26
C ARG B 68 7.29 33.19 1.57
N TYR B 69 7.90 32.24 0.86
CA TYR B 69 9.06 32.48 0.02
C TYR B 69 8.75 32.07 -1.40
N SER B 70 9.43 32.72 -2.35
CA SER B 70 9.31 32.34 -3.75
C SER B 70 10.40 31.34 -4.11
N MET B 71 10.01 30.27 -4.76
CA MET B 71 10.97 29.31 -5.32
C MET B 71 11.43 29.84 -6.67
N LYS B 72 11.99 31.05 -6.66
CA LYS B 72 12.35 31.76 -7.88
C LYS B 72 13.33 30.98 -8.74
N ARG B 73 14.33 30.39 -8.09
CA ARG B 73 15.37 29.67 -8.81
C ARG B 73 14.93 28.26 -9.18
N LYS B 74 13.75 27.87 -8.70
CA LYS B 74 13.21 26.51 -8.92
C LYS B 74 14.24 25.44 -8.57
N ASP B 75 14.97 25.68 -7.49
CA ASP B 75 15.96 24.72 -7.02
C ASP B 75 15.68 24.40 -5.56
N ILE B 76 15.40 23.14 -5.28
CA ILE B 76 15.02 22.69 -3.94
C ILE B 76 16.05 23.05 -2.86
N THR B 77 17.30 23.31 -3.26
CA THR B 77 18.34 23.67 -2.29
C THR B 77 18.19 25.11 -1.75
N GLU B 78 17.34 25.92 -2.39
CA GLU B 78 17.08 27.29 -1.95
C GLU B 78 16.53 27.34 -0.53
N LEU B 79 15.81 26.29 -0.16
CA LEU B 79 15.17 26.19 1.14
C LEU B 79 16.16 26.50 2.25
N ILE B 80 17.39 26.04 2.07
CA ILE B 80 18.47 26.24 3.04
C ILE B 80 18.70 27.73 3.35
N GLU B 81 18.68 28.56 2.31
CA GLU B 81 18.82 30.00 2.49
C GLU B 81 17.67 30.55 3.32
N PHE B 82 16.45 30.10 3.01
CA PHE B 82 15.26 30.55 3.75
C PHE B 82 15.37 30.16 5.22
N PHE B 83 15.82 28.94 5.49
CA PHE B 83 16.00 28.46 6.86
C PHE B 83 16.96 29.39 7.59
N ASN B 84 18.15 29.55 7.01
CA ASN B 84 19.18 30.42 7.55
C ASN B 84 18.72 31.85 7.83
N GLU B 85 17.98 32.43 6.89
CA GLU B 85 17.44 33.77 7.07
C GLU B 85 16.53 33.82 8.29
N ILE B 86 15.65 32.81 8.40
CA ILE B 86 14.74 32.72 9.53
C ILE B 86 15.50 32.67 10.86
N ILE B 87 16.51 31.82 10.94
CA ILE B 87 17.33 31.71 12.14
C ILE B 87 18.02 33.04 12.45
N GLU B 88 18.40 33.76 11.40
CA GLU B 88 19.03 35.07 11.55
C GLU B 88 18.05 36.10 12.10
N LEU B 89 16.92 36.25 11.42
CA LEU B 89 15.93 37.26 11.80
C LEU B 89 15.05 36.82 12.96
N MET B 90 15.59 35.97 13.85
CA MET B 90 14.85 35.51 15.02
C MET B 90 15.74 35.44 16.25
N PRO B 91 15.18 35.80 17.42
CA PRO B 91 15.85 35.75 18.71
C PRO B 91 16.10 34.33 19.19
N ALA B 92 17.21 34.09 19.88
CA ALA B 92 17.55 32.76 20.39
C ALA B 92 16.49 32.23 21.37
N SER B 93 15.80 33.14 22.05
CA SER B 93 14.71 32.77 22.94
C SER B 93 13.65 32.01 22.15
N VAL B 94 13.37 32.52 20.96
CA VAL B 94 12.39 31.93 20.04
C VAL B 94 12.89 30.59 19.48
N ILE B 95 14.05 30.62 18.84
CA ILE B 95 14.64 29.42 18.24
C ILE B 95 14.80 28.28 19.24
N LYS B 96 15.27 28.61 20.46
CA LYS B 96 15.54 27.57 21.46
C LYS B 96 14.29 26.78 21.84
N ARG B 97 13.12 27.32 21.52
CA ARG B 97 11.85 26.65 21.79
C ARG B 97 11.45 25.61 20.74
N VAL B 98 12.18 25.53 19.64
CA VAL B 98 11.86 24.56 18.59
C VAL B 98 12.12 23.13 19.07
N LYS B 99 11.06 22.33 19.15
CA LYS B 99 11.16 20.93 19.59
C LYS B 99 11.14 19.94 18.41
N ALA B 100 10.58 20.36 17.28
CA ALA B 100 10.45 19.51 16.10
C ALA B 100 10.51 20.33 14.83
N GLY B 101 10.96 19.72 13.74
CA GLY B 101 10.98 20.39 12.45
C GLY B 101 10.56 19.43 11.33
N VAL B 102 9.48 19.75 10.63
CA VAL B 102 8.99 18.86 9.57
C VAL B 102 8.62 19.68 8.34
N ILE B 103 9.15 19.29 7.18
CA ILE B 103 8.71 19.93 5.94
C ILE B 103 8.18 18.89 4.94
N ASN B 104 7.39 19.35 3.97
CA ASN B 104 6.98 18.47 2.89
C ASN B 104 7.39 19.00 1.53
N VAL B 105 7.71 18.09 0.62
CA VAL B 105 8.18 18.44 -0.74
C VAL B 105 7.39 17.68 -1.81
N PRO B 106 7.29 18.25 -3.02
CA PRO B 106 6.41 17.63 -4.03
C PRO B 106 7.04 16.50 -4.84
N GLY B 107 7.62 15.51 -4.17
CA GLY B 107 8.20 14.36 -4.84
C GLY B 107 8.41 13.21 -3.87
N PRO B 108 8.81 12.03 -4.38
CA PRO B 108 9.04 10.86 -3.53
C PRO B 108 10.15 11.17 -2.52
N VAL B 109 10.07 10.61 -1.33
CA VAL B 109 11.09 10.85 -0.30
C VAL B 109 11.49 9.52 0.32
N THR B 110 12.79 9.28 0.50
CA THR B 110 13.24 8.06 1.16
C THR B 110 13.85 8.33 2.53
N GLY B 111 13.66 7.38 3.45
CA GLY B 111 14.26 7.45 4.77
C GLY B 111 13.81 8.64 5.58
N GLY B 112 12.74 9.29 5.12
CA GLY B 112 12.28 10.54 5.71
C GLY B 112 13.37 11.61 5.70
N ALA B 113 14.35 11.46 4.80
CA ALA B 113 15.53 12.33 4.87
C ALA B 113 16.08 12.75 3.50
N VAL B 114 15.65 12.07 2.45
CA VAL B 114 16.15 12.39 1.10
C VAL B 114 14.98 12.54 0.12
N GLY B 115 14.73 13.77 -0.30
CA GLY B 115 13.61 14.04 -1.18
C GLY B 115 14.00 14.32 -2.63
N GLY B 116 13.22 13.77 -3.55
CA GLY B 116 13.44 14.03 -4.96
C GLY B 116 14.11 12.85 -5.63
N PRO B 117 14.42 12.97 -6.93
CA PRO B 117 14.22 14.15 -7.78
C PRO B 117 12.76 14.53 -8.05
N PHE B 118 12.57 15.80 -8.37
CA PHE B 118 11.25 16.37 -8.61
C PHE B 118 11.14 16.81 -10.06
N ASN B 119 9.95 16.77 -10.63
CA ASN B 119 9.80 17.19 -12.03
C ASN B 119 9.39 18.65 -12.21
N ASN B 120 9.31 19.38 -11.10
CA ASN B 120 9.03 20.81 -11.12
C ASN B 120 10.26 21.60 -10.68
N LEU B 121 11.21 20.88 -10.06
CA LEU B 121 12.34 21.52 -9.41
C LEU B 121 13.58 20.69 -9.63
N LYS B 122 14.74 21.32 -9.62
CA LYS B 122 15.97 20.56 -9.68
C LYS B 122 16.60 20.49 -8.30
N GLY B 123 17.44 19.48 -8.08
CA GLY B 123 18.08 19.29 -6.80
C GLY B 123 17.54 18.13 -5.99
N ILE B 124 18.05 18.02 -4.77
CA ILE B 124 17.68 16.95 -3.85
C ILE B 124 17.52 17.53 -2.45
N ALA B 125 16.36 17.32 -1.84
CA ALA B 125 16.15 17.74 -0.47
C ALA B 125 16.93 16.81 0.45
N ARG B 126 17.86 17.38 1.23
CA ARG B 126 18.70 16.59 2.12
C ARG B 126 18.61 17.08 3.55
N LEU B 127 17.96 16.30 4.40
CA LEU B 127 17.78 16.65 5.81
C LEU B 127 19.11 16.87 6.54
N SER B 128 20.12 16.10 6.17
CA SER B 128 21.44 16.20 6.79
C SER B 128 22.09 17.58 6.56
N ASP B 129 21.64 18.29 5.52
CA ASP B 129 22.15 19.62 5.21
C ASP B 129 21.34 20.74 5.84
N TYR B 130 20.31 20.39 6.60
CA TYR B 130 19.43 21.38 7.17
C TYR B 130 19.95 21.85 8.53
N PRO B 131 19.72 23.13 8.87
CA PRO B 131 20.10 23.70 10.15
C PRO B 131 19.33 23.06 11.30
N LYS B 132 20.04 22.69 12.35
CA LYS B 132 19.45 21.88 13.41
C LYS B 132 18.83 22.71 14.53
N ALA B 133 18.91 24.02 14.38
CA ALA B 133 18.14 24.93 15.23
C ALA B 133 16.65 24.82 14.88
N LEU B 134 16.36 24.55 13.61
CA LEU B 134 14.99 24.38 13.13
C LEU B 134 14.64 22.91 12.93
N PHE B 135 15.66 22.08 12.75
CA PHE B 135 15.47 20.65 12.60
C PHE B 135 16.23 19.88 13.68
N PRO B 136 15.68 19.83 14.90
CA PRO B 136 16.36 19.13 15.99
C PRO B 136 16.60 17.66 15.64
N PRO B 137 17.78 17.13 16.01
CA PRO B 137 18.11 15.75 15.66
C PRO B 137 17.20 14.77 16.38
N GLY B 138 16.70 13.75 15.68
CA GLY B 138 15.77 12.81 16.26
C GLY B 138 14.33 13.32 16.34
N ARG B 139 14.12 14.57 15.96
CA ARG B 139 12.78 15.16 16.01
C ARG B 139 12.44 15.90 14.72
N SER B 140 13.00 15.43 13.61
CA SER B 140 12.80 16.10 12.33
C SER B 140 12.50 15.09 11.24
N ALA B 141 11.88 15.56 10.16
CA ALA B 141 11.57 14.71 9.02
C ALA B 141 11.29 15.52 7.76
N ILE B 142 11.61 14.93 6.60
CA ILE B 142 11.10 15.42 5.31
C ILE B 142 10.02 14.46 4.85
N LEU B 143 8.86 15.00 4.46
CA LEU B 143 7.72 14.21 4.01
C LEU B 143 7.46 14.44 2.54
N ASN B 144 6.89 13.43 1.87
CA ASN B 144 6.25 13.65 0.59
C ASN B 144 5.02 14.53 0.80
N ASP B 145 4.63 15.32 -0.19
CA ASP B 145 3.52 16.24 -0.01
C ASP B 145 2.20 15.57 0.38
N LEU B 146 1.88 14.44 -0.25
CA LEU B 146 0.64 13.73 0.09
C LEU B 146 0.79 12.90 1.38
N GLU B 147 2.02 12.61 1.77
CA GLU B 147 2.28 12.04 3.11
C GLU B 147 1.86 13.08 4.14
N ALA B 148 2.36 14.30 3.97
CA ALA B 148 1.94 15.39 4.83
C ALA B 148 0.42 15.58 4.77
N GLY B 149 -0.14 15.51 3.57
CA GLY B 149 -1.58 15.69 3.42
C GLY B 149 -2.39 14.67 4.20
N GLY B 150 -1.95 13.41 4.17
CA GLY B 150 -2.60 12.37 4.94
C GLY B 150 -2.55 12.62 6.43
N PHE B 151 -1.39 13.06 6.93
CA PHE B 151 -1.28 13.46 8.32
C PHE B 151 -2.25 14.61 8.59
N GLY B 152 -2.42 15.49 7.60
CA GLY B 152 -3.36 16.60 7.72
C GLY B 152 -4.79 16.11 7.89
N VAL B 153 -5.18 15.10 7.11
CA VAL B 153 -6.50 14.51 7.23
C VAL B 153 -6.71 13.95 8.64
N LEU B 154 -5.70 13.27 9.18
CA LEU B 154 -5.77 12.78 10.55
C LEU B 154 -5.96 13.93 11.54
N ALA B 155 -5.22 15.01 11.32
CA ALA B 155 -5.31 16.20 12.18
C ALA B 155 -6.73 16.77 12.23
N VAL B 156 -7.36 16.88 11.06
CA VAL B 156 -8.73 17.36 10.97
C VAL B 156 -9.68 16.44 11.73
N SER B 157 -9.52 15.13 11.53
CA SER B 157 -10.38 14.18 12.21
C SER B 157 -10.21 14.27 13.73
N ASP B 158 -8.97 14.41 14.18
CA ASP B 158 -8.69 14.50 15.62
C ASP B 158 -9.19 15.80 16.22
N ALA B 159 -9.34 16.82 15.39
CA ALA B 159 -9.86 18.10 15.88
C ALA B 159 -11.39 18.11 15.88
N HIS B 160 -11.99 16.96 15.59
CA HIS B 160 -13.45 16.78 15.58
C HIS B 160 -14.17 17.67 14.59
N VAL B 161 -13.48 18.00 13.50
CA VAL B 161 -13.98 18.98 12.57
C VAL B 161 -14.01 18.39 11.15
N PHE B 162 -14.17 17.06 11.06
CA PHE B 162 -14.16 16.39 9.76
C PHE B 162 -15.31 16.82 8.86
N SER B 163 -16.53 16.87 9.40
CA SER B 163 -17.70 17.21 8.58
C SER B 163 -17.69 18.66 8.09
N GLU B 164 -16.82 19.48 8.67
CA GLU B 164 -16.71 20.89 8.25
C GLU B 164 -15.89 21.00 6.98
N TYR B 165 -14.99 20.05 6.77
CA TYR B 165 -14.05 20.13 5.65
C TYR B 165 -14.29 19.05 4.60
N PHE B 166 -14.94 17.96 5.01
CA PHE B 166 -15.17 16.86 4.09
C PHE B 166 -16.64 16.52 3.88
N GLY B 167 -17.05 16.41 2.61
CA GLY B 167 -18.42 16.03 2.31
C GLY B 167 -18.48 14.63 1.72
N VAL B 168 -19.51 13.89 2.09
CA VAL B 168 -19.74 12.55 1.53
C VAL B 168 -20.27 12.62 0.09
N MET B 169 -19.55 11.98 -0.84
CA MET B 169 -20.02 11.87 -2.22
C MET B 169 -20.99 10.69 -2.30
N TRP B 170 -20.57 9.56 -1.74
CA TRP B 170 -21.47 8.43 -1.50
C TRP B 170 -20.92 7.50 -0.42
N GLU B 171 -21.81 6.93 0.36
CA GLU B 171 -21.43 6.05 1.45
C GLU B 171 -21.28 4.60 0.98
N GLY B 172 -20.18 3.97 1.34
CA GLY B 172 -19.96 2.61 0.89
C GLY B 172 -20.54 1.59 1.85
N THR B 173 -20.61 0.38 1.35
CA THR B 173 -21.18 -0.75 2.03
C THR B 173 -20.55 -1.07 3.40
N GLN B 174 -19.26 -0.76 3.55
CA GLN B 174 -18.54 -1.18 4.77
C GLN B 174 -18.67 -0.20 5.94
N TRP B 175 -18.95 1.07 5.66
CA TRP B 175 -18.88 2.10 6.70
C TRP B 175 -19.67 1.76 7.96
N ARG B 176 -20.94 1.43 7.78
CA ARG B 176 -21.84 1.23 8.93
C ARG B 176 -21.50 0.01 9.75
N THR B 177 -20.83 -0.97 9.13
CA THR B 177 -20.39 -2.14 9.86
C THR B 177 -19.13 -1.85 10.69
N CYS B 178 -18.22 -1.03 10.16
CA CYS B 178 -16.99 -0.72 10.88
C CYS B 178 -17.15 0.49 11.82
N GLU B 179 -18.11 1.36 11.52
CA GLU B 179 -18.23 2.62 12.25
C GLU B 179 -19.62 2.91 12.80
N GLN B 180 -19.66 3.57 13.95
CA GLN B 180 -20.92 3.97 14.57
C GLN B 180 -21.31 5.39 14.21
N GLU B 181 -20.30 6.25 14.11
CA GLU B 181 -20.48 7.64 13.69
C GLU B 181 -20.93 7.72 12.24
N PRO B 182 -21.69 8.77 11.89
CA PRO B 182 -22.10 9.03 10.51
C PRO B 182 -20.90 9.17 9.56
N ALA B 183 -21.05 8.68 8.33
CA ALA B 183 -19.99 8.84 7.32
C ALA B 183 -19.67 10.32 7.18
N GLY B 184 -18.38 10.65 7.11
CA GLY B 184 -17.96 12.03 6.88
C GLY B 184 -17.73 12.80 8.16
N SER B 185 -18.00 12.18 9.31
CA SER B 185 -17.90 12.88 10.58
C SER B 185 -16.60 12.60 11.30
N VAL B 186 -15.93 11.52 10.90
CA VAL B 186 -14.60 11.15 11.38
C VAL B 186 -13.90 10.42 10.25
N ILE B 187 -12.59 10.23 10.36
CA ILE B 187 -11.86 9.53 9.30
C ILE B 187 -12.25 8.06 9.26
N GLY B 188 -12.58 7.49 10.41
CA GLY B 188 -12.94 6.09 10.49
C GLY B 188 -11.75 5.23 10.88
N ARG B 189 -12.02 4.16 11.62
CA ARG B 189 -10.99 3.20 11.99
C ARG B 189 -10.83 2.20 10.86
N GLY B 190 -10.39 2.67 9.71
CA GLY B 190 -10.14 1.82 8.57
C GLY B 190 -9.26 2.60 7.64
N ARG B 191 -8.71 1.94 6.63
CA ARG B 191 -7.79 2.62 5.73
C ARG B 191 -8.44 3.74 4.95
N CYS B 192 -7.71 4.84 4.80
CA CYS B 192 -8.22 5.97 4.03
C CYS B 192 -7.23 6.27 2.91
N LEU B 193 -7.67 6.13 1.66
CA LEU B 193 -6.81 6.46 0.53
C LEU B 193 -7.03 7.92 0.14
N VAL B 194 -5.99 8.72 0.29
CA VAL B 194 -6.04 10.12 -0.05
C VAL B 194 -5.56 10.37 -1.48
N LEU B 195 -6.41 10.98 -2.30
CA LEU B 195 -6.04 11.31 -3.66
C LEU B 195 -6.16 12.83 -3.86
N ALA B 196 -5.16 13.41 -4.50
CA ALA B 196 -5.14 14.85 -4.79
C ALA B 196 -4.91 15.09 -6.27
N PRO B 197 -5.99 15.14 -7.06
CA PRO B 197 -5.85 15.39 -8.49
C PRO B 197 -5.68 16.90 -8.71
N GLY B 198 -4.43 17.30 -8.89
CA GLY B 198 -4.11 18.69 -9.07
C GLY B 198 -3.10 18.82 -10.19
N THR B 199 -2.06 19.61 -9.95
CA THR B 199 -0.93 19.70 -10.90
C THR B 199 -0.42 18.29 -11.19
N GLY B 200 0.16 17.65 -10.18
CA GLY B 200 0.46 16.24 -10.26
C GLY B 200 -0.67 15.48 -9.58
N LEU B 201 -0.75 14.18 -9.84
CA LEU B 201 -1.74 13.35 -9.16
C LEU B 201 -1.08 12.71 -7.95
N GLY B 202 -1.53 13.11 -6.77
CA GLY B 202 -0.90 12.65 -5.53
C GLY B 202 -1.72 11.57 -4.87
N SER B 203 -1.06 10.74 -4.08
CA SER B 203 -1.74 9.62 -3.45
C SER B 203 -0.97 9.19 -2.21
N SER B 204 -1.71 8.94 -1.13
CA SER B 204 -1.13 8.33 0.06
C SER B 204 -2.20 7.49 0.73
N LEU B 205 -1.77 6.45 1.45
CA LEU B 205 -2.73 5.59 2.16
C LEU B 205 -2.55 5.80 3.64
N ILE B 206 -3.61 6.22 4.31
CA ILE B 206 -3.57 6.26 5.75
C ILE B 206 -3.99 4.88 6.22
N TYR B 207 -2.99 4.06 6.52
CA TYR B 207 -3.25 2.69 6.92
C TYR B 207 -3.73 2.68 8.36
N TYR B 208 -4.70 1.82 8.65
CA TYR B 208 -5.14 1.63 10.02
C TYR B 208 -4.73 0.24 10.55
N ASN B 209 -3.97 0.23 11.64
CA ASN B 209 -3.54 -1.02 12.26
C ASN B 209 -4.53 -1.42 13.36
N PRO B 210 -5.38 -2.42 13.07
CA PRO B 210 -6.43 -2.78 14.04
C PRO B 210 -5.88 -3.46 15.30
N MET B 211 -4.57 -3.76 15.31
CA MET B 211 -3.98 -4.40 16.47
C MET B 211 -3.55 -3.41 17.56
N ASN B 212 -3.10 -2.23 17.16
CA ASN B 212 -2.80 -1.18 18.14
C ASN B 212 -3.72 0.02 17.98
N GLN B 213 -4.70 -0.13 17.09
CA GLN B 213 -5.66 0.93 16.76
C GLN B 213 -5.03 2.24 16.30
N GLN B 214 -3.83 2.17 15.71
CA GLN B 214 -3.14 3.37 15.23
C GLN B 214 -3.23 3.57 13.72
N HIS B 215 -3.09 4.82 13.28
CA HIS B 215 -3.07 5.15 11.86
C HIS B 215 -1.64 5.45 11.49
N ILE B 216 -1.19 5.02 10.31
CA ILE B 216 0.13 5.41 9.84
C ILE B 216 -0.01 5.79 8.37
N VAL B 217 0.79 6.76 7.92
CA VAL B 217 0.61 7.28 6.57
C VAL B 217 1.62 6.65 5.64
N VAL B 218 1.12 5.97 4.61
CA VAL B 218 1.99 5.25 3.67
C VAL B 218 2.00 6.01 2.35
N PRO B 219 3.16 6.59 1.98
CA PRO B 219 3.25 7.35 0.74
C PRO B 219 3.12 6.41 -0.46
N LEU B 220 2.47 6.87 -1.53
CA LEU B 220 2.23 6.06 -2.72
C LEU B 220 2.49 6.90 -3.96
N GLU B 221 2.77 6.22 -5.07
CA GLU B 221 2.92 6.87 -6.36
C GLU B 221 1.94 6.23 -7.34
N LEU B 222 0.66 6.22 -6.98
CA LEU B 222 -0.36 5.62 -7.85
C LEU B 222 -0.44 6.25 -9.23
N GLY B 223 -0.20 7.56 -9.33
CA GLY B 223 -0.35 8.28 -10.57
C GLY B 223 0.55 7.79 -11.69
N SER B 224 1.67 7.17 -11.32
CA SER B 224 2.67 6.71 -12.29
C SER B 224 2.50 5.25 -12.73
N GLN B 225 1.45 4.60 -12.24
CA GLN B 225 1.10 3.27 -12.75
C GLN B 225 0.54 3.36 -14.19
N THR B 226 0.81 2.34 -14.99
CA THR B 226 0.23 2.25 -16.33
C THR B 226 -1.29 2.07 -16.23
N ILE B 227 -2.05 2.86 -16.99
CA ILE B 227 -3.50 2.74 -16.99
C ILE B 227 -3.96 1.40 -17.57
N PRO B 228 -4.73 0.62 -16.80
CA PRO B 228 -5.30 -0.59 -17.40
C PRO B 228 -6.55 -0.16 -18.17
N MET B 229 -6.94 -0.92 -19.18
CA MET B 229 -8.04 -0.50 -20.02
C MET B 229 -9.43 -0.88 -19.47
N ARG B 230 -10.45 -0.27 -20.06
CA ARG B 230 -11.79 -0.78 -19.99
C ARG B 230 -12.24 -1.02 -21.44
N LYS B 231 -13.01 -0.08 -21.98
CA LYS B 231 -13.43 -0.13 -23.37
C LYS B 231 -12.93 1.11 -24.08
N ASP B 232 -11.66 1.43 -23.86
CA ASP B 232 -11.10 2.71 -24.31
C ASP B 232 -9.73 2.60 -24.98
N ILE B 233 -9.45 1.45 -25.58
CA ILE B 233 -8.15 1.24 -26.23
C ILE B 233 -7.79 2.37 -27.23
N ASP B 234 -8.77 2.82 -28.00
CA ASP B 234 -8.54 3.87 -28.99
C ASP B 234 -8.12 5.20 -28.35
N TYR B 235 -8.79 5.54 -27.26
CA TYR B 235 -8.53 6.80 -26.57
C TYR B 235 -7.15 6.78 -25.90
N ILE B 236 -6.77 5.61 -25.37
CA ILE B 236 -5.46 5.46 -24.73
C ILE B 236 -4.34 5.45 -25.78
N GLN B 237 -4.56 4.75 -26.88
CA GLN B 237 -3.58 4.73 -27.97
C GLN B 237 -3.39 6.13 -28.56
N THR B 238 -4.48 6.88 -28.65
CA THR B 238 -4.42 8.26 -29.11
C THR B 238 -3.47 9.08 -28.26
N LEU B 239 -3.60 8.97 -26.94
CA LEU B 239 -2.69 9.68 -26.04
C LEU B 239 -1.27 9.12 -26.12
N HIS B 240 -1.17 7.78 -26.18
CA HIS B 240 0.12 7.10 -26.30
C HIS B 240 0.90 7.64 -27.50
N ALA B 241 0.23 7.74 -28.64
CA ALA B 241 0.84 8.25 -29.86
C ALA B 241 1.36 9.67 -29.66
N GLU B 242 0.57 10.49 -28.97
CA GLU B 242 0.93 11.88 -28.69
C GLU B 242 2.07 12.04 -27.67
N LEU B 243 2.07 11.22 -26.63
CA LEU B 243 3.08 11.31 -25.57
C LEU B 243 4.38 10.60 -25.91
N LYS B 244 4.28 9.56 -26.75
CA LYS B 244 5.37 8.63 -27.02
C LYS B 244 5.69 7.79 -25.78
N LEU B 245 4.70 7.67 -24.90
CA LEU B 245 4.81 6.88 -23.67
C LEU B 245 3.47 6.19 -23.42
N LEU B 246 3.51 4.95 -22.95
CA LEU B 246 2.30 4.29 -22.45
C LEU B 246 1.70 5.16 -21.36
N PRO B 247 0.42 5.53 -21.52
CA PRO B 247 -0.22 6.44 -20.57
C PRO B 247 -0.27 5.87 -19.16
N ASN B 248 -0.02 6.74 -18.18
CA ASN B 248 -0.22 6.40 -16.78
C ASN B 248 -1.40 7.23 -16.30
N TYR B 249 -1.87 7.00 -15.07
CA TYR B 249 -3.07 7.71 -14.64
C TYR B 249 -2.88 9.21 -14.63
N GLU B 250 -1.67 9.65 -14.29
CA GLU B 250 -1.40 11.06 -14.18
C GLU B 250 -1.52 11.72 -15.54
N ASN B 251 -1.14 10.99 -16.59
CA ASN B 251 -1.27 11.52 -17.95
C ASN B 251 -2.73 11.88 -18.30
N MET B 252 -3.68 11.13 -17.75
CA MET B 252 -5.10 11.41 -17.97
C MET B 252 -5.70 12.31 -16.89
N VAL B 253 -5.12 12.27 -15.70
CA VAL B 253 -5.67 12.95 -14.55
C VAL B 253 -4.67 14.00 -14.09
N SER B 254 -4.65 15.13 -14.80
CA SER B 254 -3.75 16.25 -14.51
C SER B 254 -4.25 17.46 -15.31
N GLY B 255 -3.54 18.58 -15.22
CA GLY B 255 -3.84 19.71 -16.08
C GLY B 255 -3.66 19.33 -17.55
N ALA B 256 -2.46 18.85 -17.87
CA ALA B 256 -2.17 18.36 -19.21
C ALA B 256 -3.18 17.31 -19.67
N GLY B 257 -3.62 16.47 -18.75
CA GLY B 257 -4.65 15.49 -19.08
C GLY B 257 -5.97 16.16 -19.44
N LEU B 258 -6.38 17.14 -18.65
CA LEU B 258 -7.64 17.83 -18.92
C LEU B 258 -7.59 18.53 -20.29
N GLU B 259 -6.48 19.20 -20.58
CA GLU B 259 -6.28 19.83 -21.89
C GLU B 259 -6.42 18.81 -23.01
N PHE B 260 -5.85 17.63 -22.81
CA PHE B 260 -5.98 16.56 -23.78
C PHE B 260 -7.45 16.19 -23.98
N HIS B 261 -8.19 15.99 -22.89
CA HIS B 261 -9.58 15.57 -22.99
C HIS B 261 -10.43 16.58 -23.77
N TYR B 262 -10.17 17.87 -23.55
CA TYR B 262 -10.92 18.93 -24.21
C TYR B 262 -10.68 18.95 -25.71
N ARG B 263 -9.40 18.84 -26.11
CA ARG B 263 -9.03 18.84 -27.52
C ARG B 263 -9.63 17.66 -28.25
N GLN B 264 -9.77 16.54 -27.55
CA GLN B 264 -10.35 15.36 -28.15
C GLN B 264 -11.87 15.45 -28.25
N VAL B 265 -12.46 16.32 -27.44
CA VAL B 265 -13.91 16.59 -27.50
C VAL B 265 -14.23 17.50 -28.69
N VAL B 266 -13.58 18.67 -28.71
CA VAL B 266 -13.86 19.69 -29.73
C VAL B 266 -13.44 19.28 -31.14
N ARG B 267 -12.38 18.47 -31.26
CA ARG B 267 -11.87 18.02 -32.57
C ARG B 267 -11.36 19.17 -33.46
N GLY B 268 -11.05 20.31 -32.84
CA GLY B 268 -10.53 21.43 -33.60
C GLY B 268 -11.59 22.47 -33.99
N SER B 269 -12.80 22.28 -33.50
CA SER B 269 -13.91 23.18 -33.79
C SER B 269 -13.80 24.46 -32.96
N ARG B 270 -13.06 24.38 -31.87
CA ARG B 270 -12.81 25.53 -31.00
C ARG B 270 -11.31 25.58 -30.74
N PRO B 271 -10.79 26.76 -30.35
CA PRO B 271 -9.38 26.83 -29.96
C PRO B 271 -9.07 26.03 -28.69
N PRO B 272 -7.82 25.54 -28.56
CA PRO B 272 -7.32 24.80 -27.40
C PRO B 272 -7.16 25.69 -26.15
N CYS B 273 -7.76 25.28 -25.04
CA CYS B 273 -7.73 26.06 -23.81
C CYS B 273 -6.83 25.41 -22.74
N SER B 274 -6.51 26.19 -21.71
CA SER B 274 -5.73 25.69 -20.58
C SER B 274 -6.64 24.99 -19.58
N ALA B 275 -6.04 24.25 -18.64
CA ALA B 275 -6.81 23.55 -17.62
C ALA B 275 -7.69 24.49 -16.79
N GLY B 276 -7.10 25.53 -16.23
CA GLY B 276 -7.85 26.52 -15.46
C GLY B 276 -9.01 27.09 -16.24
N GLU B 277 -8.75 27.42 -17.51
CA GLU B 277 -9.78 27.93 -18.43
C GLU B 277 -10.86 26.89 -18.74
N ILE B 278 -10.46 25.64 -18.96
CA ILE B 278 -11.41 24.56 -19.21
C ILE B 278 -12.33 24.38 -18.02
N ALA B 279 -11.76 24.39 -16.82
CA ALA B 279 -12.52 24.26 -15.59
C ALA B 279 -13.46 25.44 -15.39
N LYS B 280 -12.98 26.64 -15.70
CA LYS B 280 -13.79 27.84 -15.61
C LYS B 280 -15.01 27.75 -16.54
N LEU B 281 -14.74 27.47 -17.81
CA LEU B 281 -15.79 27.28 -18.81
C LEU B 281 -16.83 26.27 -18.37
N ALA B 282 -16.36 25.12 -17.87
CA ALA B 282 -17.25 24.08 -17.37
C ALA B 282 -18.20 24.59 -16.30
N SER B 283 -17.67 25.37 -15.36
CA SER B 283 -18.48 26.00 -14.33
C SER B 283 -19.53 26.92 -14.94
N GLU B 284 -19.16 27.59 -16.03
CA GLU B 284 -20.09 28.50 -16.69
C GLU B 284 -21.19 27.74 -17.42
N GLY B 285 -20.96 26.45 -17.68
CA GLY B 285 -22.00 25.60 -18.22
C GLY B 285 -21.73 25.12 -19.63
N ASP B 286 -20.52 25.34 -20.11
CA ASP B 286 -20.14 24.95 -21.46
C ASP B 286 -20.09 23.43 -21.63
N ALA B 287 -20.79 22.92 -22.62
CA ALA B 287 -20.92 21.48 -22.86
C ALA B 287 -19.60 20.80 -23.23
N ASN B 288 -18.77 21.49 -24.03
CA ASN B 288 -17.48 20.93 -24.41
C ASN B 288 -16.55 20.78 -23.21
N ALA B 289 -16.48 21.82 -22.38
CA ALA B 289 -15.66 21.79 -21.17
C ALA B 289 -16.23 20.83 -20.13
N CYS B 290 -17.55 20.76 -20.04
CA CYS B 290 -18.20 19.80 -19.14
C CYS B 290 -17.88 18.36 -19.53
N LYS B 291 -17.95 18.07 -20.83
CA LYS B 291 -17.58 16.75 -21.34
C LYS B 291 -16.12 16.44 -21.01
N ALA B 292 -15.27 17.46 -21.08
CA ALA B 292 -13.86 17.30 -20.73
C ALA B 292 -13.68 16.87 -19.28
N MET B 293 -14.37 17.56 -18.37
CA MET B 293 -14.30 17.28 -16.94
C MET B 293 -14.77 15.87 -16.62
N LYS B 294 -15.81 15.42 -17.30
CA LYS B 294 -16.34 14.08 -17.09
C LYS B 294 -15.33 13.01 -17.51
N LYS B 295 -14.65 13.25 -18.63
CA LYS B 295 -13.63 12.33 -19.12
C LYS B 295 -12.49 12.20 -18.12
N TYR B 296 -12.06 13.36 -17.61
CA TYR B 296 -11.03 13.45 -16.60
C TYR B 296 -11.42 12.65 -15.36
N HIS B 297 -12.67 12.79 -14.92
CA HIS B 297 -13.10 12.12 -13.71
C HIS B 297 -13.37 10.63 -13.94
N GLU B 298 -13.65 10.26 -15.18
CA GLU B 298 -13.76 8.85 -15.56
C GLU B 298 -12.44 8.14 -15.24
N TYR B 299 -11.32 8.78 -15.60
CA TYR B 299 -10.01 8.22 -15.28
C TYR B 299 -9.61 8.32 -13.81
N LEU B 300 -10.04 9.40 -13.14
CA LEU B 300 -9.80 9.51 -11.70
C LEU B 300 -10.53 8.40 -10.95
N MET B 301 -11.74 8.07 -11.40
CA MET B 301 -12.50 6.99 -10.80
C MET B 301 -11.88 5.63 -11.09
N ARG B 302 -11.12 5.52 -12.18
CA ARG B 302 -10.44 4.27 -12.48
C ARG B 302 -9.25 4.06 -11.54
N VAL B 303 -8.59 5.15 -11.15
CA VAL B 303 -7.56 5.08 -10.12
C VAL B 303 -8.18 4.52 -8.86
N GLY B 304 -9.38 5.02 -8.57
CA GLY B 304 -10.12 4.63 -7.38
C GLY B 304 -10.61 3.20 -7.39
N SER B 305 -11.16 2.74 -8.51
CA SER B 305 -11.68 1.39 -8.57
C SER B 305 -10.54 0.35 -8.46
N GLU B 306 -9.43 0.61 -9.14
CA GLU B 306 -8.30 -0.33 -9.07
C GLU B 306 -7.64 -0.29 -7.68
N ALA B 307 -7.47 0.90 -7.13
CA ALA B 307 -6.87 1.01 -5.80
C ALA B 307 -7.84 0.52 -4.73
N SER B 308 -9.16 0.62 -4.99
CA SER B 308 -10.14 0.06 -4.05
C SER B 308 -9.93 -1.43 -3.91
N MET B 309 -9.58 -2.10 -5.00
CA MET B 309 -9.27 -3.51 -4.91
C MET B 309 -7.92 -3.76 -4.27
N ALA B 310 -6.88 -3.11 -4.80
CA ALA B 310 -5.51 -3.38 -4.35
C ALA B 310 -5.28 -3.08 -2.88
N LEU B 311 -5.89 -2.02 -2.39
CA LEU B 311 -5.55 -1.53 -1.06
C LEU B 311 -6.67 -1.70 -0.05
N LEU B 312 -7.81 -2.22 -0.50
CA LEU B 312 -9.00 -2.41 0.38
C LEU B 312 -9.28 -1.28 1.37
N PRO B 313 -9.50 -0.05 0.86
CA PRO B 313 -9.72 1.05 1.81
C PRO B 313 -11.15 1.10 2.34
N LEU B 314 -11.32 1.68 3.53
CA LEU B 314 -12.66 1.99 4.04
C LEU B 314 -13.16 3.25 3.34
N THR B 315 -12.26 4.20 3.17
CA THR B 315 -12.65 5.48 2.56
C THR B 315 -11.63 5.92 1.49
N ILE B 316 -12.12 6.68 0.51
CA ILE B 316 -11.27 7.41 -0.41
C ILE B 316 -11.66 8.88 -0.29
N VAL B 317 -10.67 9.76 -0.12
CA VAL B 317 -10.95 11.19 0.07
C VAL B 317 -10.25 11.99 -1.00
N LEU B 318 -11.00 12.81 -1.72
CA LEU B 318 -10.40 13.68 -2.74
C LEU B 318 -10.02 15.01 -2.11
N VAL B 319 -8.75 15.42 -2.20
CA VAL B 319 -8.30 16.63 -1.51
C VAL B 319 -7.63 17.63 -2.45
N GLY B 320 -7.43 18.86 -1.96
CA GLY B 320 -6.78 19.88 -2.76
C GLY B 320 -7.67 21.09 -3.03
N ASP B 321 -7.03 22.24 -3.30
CA ASP B 321 -7.76 23.49 -3.52
C ASP B 321 -8.77 23.38 -4.65
N ASN B 322 -8.31 22.83 -5.77
CA ASN B 322 -9.13 22.71 -6.96
C ASN B 322 -10.31 21.76 -6.77
N ILE B 323 -10.20 20.79 -5.86
CA ILE B 323 -11.35 19.97 -5.50
C ILE B 323 -12.41 20.85 -4.84
N VAL B 324 -11.97 21.79 -4.01
CA VAL B 324 -12.89 22.73 -3.36
C VAL B 324 -13.46 23.74 -4.37
N ASN B 325 -12.58 24.31 -5.20
CA ASN B 325 -12.99 25.34 -6.16
C ASN B 325 -13.83 24.80 -7.30
N ASN B 326 -13.86 23.48 -7.44
CA ASN B 326 -14.66 22.83 -8.46
C ASN B 326 -15.78 21.99 -7.84
N ALA B 327 -16.23 22.44 -6.67
CA ALA B 327 -17.37 21.83 -5.98
C ALA B 327 -18.58 21.74 -6.88
N PHE B 328 -18.73 22.72 -7.76
CA PHE B 328 -19.84 22.76 -8.72
C PHE B 328 -19.98 21.43 -9.46
N PHE B 329 -18.85 20.84 -9.85
CA PHE B 329 -18.89 19.61 -10.63
C PHE B 329 -19.44 18.45 -9.81
N TYR B 330 -19.05 18.37 -8.54
CA TYR B 330 -19.46 17.27 -7.68
C TYR B 330 -20.89 17.40 -7.16
N ARG B 331 -21.36 18.64 -7.01
CA ARG B 331 -22.73 18.86 -6.55
C ARG B 331 -23.76 18.41 -7.56
N ASN B 332 -23.41 18.51 -8.85
CA ASN B 332 -24.27 18.06 -9.93
C ASN B 332 -24.58 16.56 -9.83
N PRO B 333 -25.83 16.23 -9.48
CA PRO B 333 -26.27 14.85 -9.22
C PRO B 333 -26.02 13.93 -10.41
N GLN B 334 -26.05 14.47 -11.63
CA GLN B 334 -25.78 13.67 -12.83
C GLN B 334 -24.32 13.24 -12.87
N ASN B 335 -23.42 14.21 -12.73
CA ASN B 335 -21.99 13.93 -12.68
C ASN B 335 -21.66 12.91 -11.60
N LEU B 336 -22.27 13.12 -10.43
CA LEU B 336 -22.03 12.27 -9.27
C LEU B 336 -22.41 10.84 -9.58
N LYS B 337 -23.59 10.67 -10.18
CA LYS B 337 -24.07 9.37 -10.61
C LYS B 337 -23.09 8.74 -11.60
N GLU B 338 -22.60 9.53 -12.54
CA GLU B 338 -21.66 9.04 -13.54
C GLU B 338 -20.34 8.61 -12.92
N MET B 339 -19.85 9.40 -11.96
CA MET B 339 -18.61 9.06 -11.28
C MET B 339 -18.79 7.81 -10.45
N HIS B 340 -19.91 7.72 -9.75
CA HIS B 340 -20.23 6.50 -8.98
C HIS B 340 -20.21 5.27 -9.88
N ARG B 341 -20.87 5.38 -11.03
CA ARG B 341 -20.90 4.26 -11.96
C ARG B 341 -19.49 3.86 -12.40
N GLU B 342 -18.64 4.84 -12.63
CA GLU B 342 -17.27 4.55 -13.04
C GLU B 342 -16.45 3.96 -11.89
N ALA B 343 -16.64 4.49 -10.69
CA ALA B 343 -15.97 3.93 -9.51
C ALA B 343 -16.28 2.45 -9.31
N LEU B 344 -17.44 2.00 -9.76
CA LEU B 344 -17.81 0.59 -9.65
C LEU B 344 -17.53 -0.20 -10.93
N ASN B 345 -16.94 0.46 -11.92
CA ASN B 345 -16.58 -0.20 -13.17
C ASN B 345 -15.31 -1.05 -13.03
N HIS B 346 -15.47 -2.26 -12.47
CA HIS B 346 -14.34 -3.13 -12.20
C HIS B 346 -14.89 -4.54 -12.09
N GLU B 347 -14.14 -5.53 -12.57
CA GLU B 347 -14.65 -6.88 -12.56
C GLU B 347 -14.91 -7.38 -11.17
N MET B 348 -14.18 -6.86 -10.17
CA MET B 348 -14.32 -7.39 -8.82
C MET B 348 -15.54 -6.80 -8.12
N GLU B 349 -16.21 -5.86 -8.79
CA GLU B 349 -17.48 -5.33 -8.25
C GLU B 349 -18.59 -6.39 -8.27
N ARG B 350 -18.40 -7.47 -9.03
CA ARG B 350 -19.35 -8.58 -8.99
C ARG B 350 -19.35 -9.20 -7.58
N PHE B 351 -18.29 -8.96 -6.81
CA PHE B 351 -18.27 -9.36 -5.40
C PHE B 351 -18.44 -8.17 -4.43
N GLY B 352 -18.72 -7.00 -4.97
CA GLY B 352 -18.97 -5.82 -4.16
C GLY B 352 -17.75 -5.07 -3.64
N PHE B 353 -16.56 -5.37 -4.17
CA PHE B 353 -15.37 -4.73 -3.62
C PHE B 353 -15.35 -3.22 -3.77
N GLN B 354 -15.76 -2.69 -4.92
CA GLN B 354 -15.69 -1.26 -5.12
C GLN B 354 -16.80 -0.57 -4.34
N SER B 355 -17.91 -1.29 -4.15
CA SER B 355 -19.07 -0.81 -3.39
C SER B 355 -18.80 -0.61 -1.90
N ARG B 356 -17.79 -1.32 -1.39
CA ARG B 356 -17.44 -1.25 0.01
C ARG B 356 -17.06 0.16 0.41
N VAL B 357 -16.50 0.91 -0.54
CA VAL B 357 -15.73 2.12 -0.21
C VAL B 357 -16.56 3.41 -0.15
N THR B 358 -16.33 4.20 0.89
CA THR B 358 -16.98 5.50 1.01
C THR B 358 -16.13 6.57 0.35
N TYR B 359 -16.72 7.32 -0.56
CA TYR B 359 -16.00 8.40 -1.23
C TYR B 359 -16.39 9.75 -0.63
N LEU B 360 -15.39 10.56 -0.32
CA LEU B 360 -15.62 11.89 0.24
C LEU B 360 -14.83 12.89 -0.57
N ARG B 361 -15.18 14.17 -0.46
CA ARG B 361 -14.42 15.24 -1.10
C ARG B 361 -14.21 16.40 -0.14
N GLN B 362 -13.05 17.06 -0.26
CA GLN B 362 -12.81 18.27 0.50
C GLN B 362 -13.79 19.33 -0.02
N LYS B 363 -14.48 19.99 0.89
CA LYS B 363 -15.49 20.98 0.47
C LYS B 363 -15.20 22.36 1.02
N LYS B 364 -14.12 22.48 1.79
CA LYS B 364 -13.71 23.77 2.36
C LYS B 364 -12.19 23.88 2.34
N LEU B 365 -11.68 25.03 1.94
CA LEU B 365 -10.23 25.23 1.83
C LEU B 365 -9.51 25.00 3.15
N LEU B 366 -8.36 24.30 3.09
CA LEU B 366 -7.50 24.10 4.25
C LEU B 366 -6.13 23.62 3.80
N ASN B 367 -5.07 24.15 4.41
CA ASN B 367 -3.75 23.62 4.10
C ASN B 367 -3.47 22.36 4.91
N LEU B 368 -3.87 21.22 4.35
CA LEU B 368 -3.66 19.92 4.96
C LEU B 368 -2.18 19.66 5.20
N ASN B 369 -1.34 20.11 4.27
CA ASN B 369 0.09 19.81 4.34
C ASN B 369 0.78 20.43 5.56
N LEU B 370 0.45 21.68 5.86
CA LEU B 370 1.03 22.36 7.02
C LEU B 370 0.52 21.74 8.31
N MET B 371 -0.77 21.42 8.35
CA MET B 371 -1.33 20.72 9.50
C MET B 371 -0.71 19.33 9.62
N GLY B 372 -0.42 18.71 8.48
CA GLY B 372 0.20 17.39 8.47
C GLY B 372 1.64 17.38 8.97
N CYS B 373 2.42 18.38 8.54
CA CYS B 373 3.78 18.55 9.06
C CYS B 373 3.77 18.65 10.57
N TYR B 374 2.83 19.41 11.09
CA TYR B 374 2.74 19.59 12.54
C TYR B 374 2.39 18.27 13.21
N ARG B 375 1.37 17.60 12.69
CA ARG B 375 0.92 16.36 13.32
C ARG B 375 1.98 15.27 13.26
N CYS B 376 2.70 15.20 12.14
CA CYS B 376 3.81 14.26 12.03
C CYS B 376 4.80 14.56 13.14
N GLY B 377 5.07 15.85 13.34
CA GLY B 377 5.95 16.29 14.40
C GLY B 377 5.54 15.74 15.74
N LEU B 378 4.24 15.64 15.98
CA LEU B 378 3.76 15.14 17.27
C LEU B 378 4.16 13.69 17.51
N ASP B 379 4.10 12.86 16.46
CA ASP B 379 4.49 11.47 16.54
C ASP B 379 6.00 11.31 16.74
N LEU B 380 6.74 12.40 16.55
CA LEU B 380 8.19 12.36 16.68
C LEU B 380 8.59 12.75 18.10
N SER B 381 8.33 14.02 18.41
CA SER B 381 8.67 14.65 19.69
C SER B 381 8.34 13.80 20.91
#